data_7TCQ
#
_entry.id   7TCQ
#
_cell.length_a   155.063
_cell.length_b   64.518
_cell.length_c   137.963
_cell.angle_alpha   90.000
_cell.angle_beta   117.340
_cell.angle_gamma   90.000
#
_symmetry.space_group_name_H-M   'C 1 2 1'
#
loop_
_entity.id
_entity.type
_entity.pdbx_description
1 polymer 'Anti-SARS-CoV-2 antibody WS6 Fab heavy chain'
2 polymer 'Anti-SARS-CoV-2 antibody WS6 Fab light chain'
3 polymer 'Pegylated spike S2 peptide'
4 polymer 'Anti-SARS-CoV-2 antibody WS6 Fab light chain'
5 non-polymer 'SULFATE ION'
6 non-polymer DI(HYDROXYETHYL)ETHER
7 water water
#
loop_
_entity_poly.entity_id
_entity_poly.type
_entity_poly.pdbx_seq_one_letter_code
_entity_poly.pdbx_strand_id
1 'polypeptide(L)'
;EVQFQQSGTVLARPGASVKMSCKASGYTFTNYWIHWVKQRPGQGLEYIGGTYPGNGDTTYNQKFKGKAKVTAVTPTSTAY
MDLSSLTNEDSAVYYCTRTGSYFDYWGQGTTLTVSSASTTAPSVYPLAPVCGDTTGSSVTLGCLVKGYFPEPVTLTWNSG
SLSSGVHTFPAVLQSDLYTLSSSVTVTSSTWPSQSITCNVAHPASSTKVDKKIEPR
;
H,A
2 'polypeptide(L)'
;(PCA)IVLTQSPAIMSASPGEKVTISCSATSSVSYIYWYQQRPGSSPKPWIYRTSNLASGVPVRFSGSGSGTSYSLTISN
MEAEDAATYYCQQYQSYPPTFGAGTKLELKRTDAAPTVSIFPPSSEQLTSGGASVVCFLNNFYPKDINVKWKIDGSERQN
GVLNSWTDQDSKDSTYSMSSTLTLTKDEYERHNSYTCEATHKTSTSPIVKSFNRNE
;
L
3 'polypeptide(L)' (ACE)FKEELDKYFK(I2J) C,D
4 'polypeptide(L)'
;QIVLTQSPAIMSASPGEKVTISCSATSSVSYIYWYQQRPGSSPKPWIYRTSNLASGVPVRFSGSGSGTSYSLTISNMEAE
DAATYYCQQYQSYPPTFGAGTKLELKRTDAAPTVSIFPPSSEQLTSGGASVVCFLNNFYPKDINVKWKIDGSERQNGVLN
SWTDQDSKDSTYSMSSTLTLTKDEYERHNSYTCEATHKTSTSPIVKSFNRNE
;
B
#
# COMPACT_ATOMS: atom_id res chain seq x y z
N GLU A 1 -27.75 -12.09 -24.83
CA GLU A 1 -28.50 -11.34 -23.83
C GLU A 1 -28.27 -9.84 -24.03
N VAL A 2 -29.34 -9.05 -23.92
CA VAL A 2 -29.18 -7.60 -23.99
C VAL A 2 -28.37 -7.12 -22.80
N GLN A 3 -27.41 -6.22 -23.06
CA GLN A 3 -26.53 -5.75 -22.00
C GLN A 3 -26.14 -4.31 -22.26
N PHE A 4 -26.07 -3.53 -21.18
CA PHE A 4 -25.59 -2.15 -21.21
C PHE A 4 -24.38 -2.05 -20.29
N GLN A 5 -23.25 -1.66 -20.86
CA GLN A 5 -22.02 -1.44 -20.11
C GLN A 5 -21.82 0.07 -19.94
N GLN A 6 -21.99 0.55 -18.72
CA GLN A 6 -21.88 1.98 -18.42
C GLN A 6 -20.48 2.33 -17.96
N SER A 7 -20.08 3.57 -18.24
CA SER A 7 -18.78 4.12 -17.83
C SER A 7 -18.67 4.16 -16.29
N GLY A 8 -17.44 4.31 -15.80
CA GLY A 8 -17.17 4.09 -14.39
C GLY A 8 -17.50 5.28 -13.48
N THR A 9 -17.39 5.04 -12.17
CA THR A 9 -17.60 6.09 -11.17
C THR A 9 -16.80 7.33 -11.52
N VAL A 10 -17.42 8.51 -11.35
CA VAL A 10 -16.80 9.75 -11.79
C VAL A 10 -17.00 10.87 -10.76
N LEU A 11 -15.95 11.67 -10.58
CA LEU A 11 -15.97 12.89 -9.77
C LEU A 11 -15.90 14.09 -10.70
N ALA A 12 -16.76 15.06 -10.45
CA ALA A 12 -16.75 16.31 -11.21
C ALA A 12 -16.86 17.47 -10.22
N ARG A 13 -16.34 18.62 -10.63
CA ARG A 13 -16.31 19.83 -9.83
C ARG A 13 -17.60 20.63 -10.03
N PRO A 14 -18.11 21.28 -8.97
CA PRO A 14 -19.27 22.17 -9.15
C PRO A 14 -19.04 23.16 -10.28
N GLY A 15 -20.05 23.37 -11.12
CA GLY A 15 -19.94 24.29 -12.24
C GLY A 15 -19.42 23.66 -13.52
N ALA A 16 -18.83 22.48 -13.46
CA ALA A 16 -18.25 21.86 -14.63
C ALA A 16 -19.32 21.07 -15.39
N SER A 17 -18.89 20.33 -16.41
CA SER A 17 -19.72 19.36 -17.11
C SER A 17 -19.10 17.97 -16.96
N VAL A 18 -19.89 16.96 -17.32
CA VAL A 18 -19.45 15.57 -17.28
C VAL A 18 -20.23 14.80 -18.32
N LYS A 19 -19.56 13.86 -18.97
CA LYS A 19 -20.15 13.01 -20.00
C LYS A 19 -20.11 11.57 -19.52
N MET A 20 -21.24 10.89 -19.60
CA MET A 20 -21.38 9.50 -19.15
C MET A 20 -21.78 8.66 -20.36
N SER A 21 -21.29 7.41 -20.45
CA SER A 21 -21.55 6.60 -21.63
C SER A 21 -22.21 5.28 -21.27
N CYS A 22 -22.79 4.64 -22.28
CA CYS A 22 -23.56 3.41 -22.10
C CYS A 22 -23.43 2.61 -23.38
N LYS A 23 -22.64 1.54 -23.35
CA LYS A 23 -22.37 0.75 -24.55
C LYS A 23 -23.36 -0.42 -24.61
N ALA A 24 -24.17 -0.46 -25.66
CA ALA A 24 -25.23 -1.44 -25.80
C ALA A 24 -24.78 -2.66 -26.61
N SER A 25 -25.43 -3.79 -26.35
CA SER A 25 -25.19 -5.01 -27.13
C SER A 25 -26.37 -5.95 -26.98
N GLY A 26 -26.49 -6.89 -27.91
CA GLY A 26 -27.50 -7.91 -27.82
C GLY A 26 -28.82 -7.59 -28.49
N TYR A 27 -28.92 -6.48 -29.20
CA TYR A 27 -30.14 -6.14 -29.93
C TYR A 27 -29.79 -5.15 -31.02
N THR A 28 -30.77 -4.87 -31.87
CA THR A 28 -30.60 -3.90 -32.97
C THR A 28 -30.72 -2.50 -32.38
N PHE A 29 -29.56 -1.87 -32.17
CA PHE A 29 -29.47 -0.60 -31.44
C PHE A 29 -30.39 0.48 -32.04
N THR A 30 -30.52 0.52 -33.36
CA THR A 30 -31.24 1.61 -34.01
C THR A 30 -32.76 1.55 -33.82
N ASN A 31 -33.32 0.46 -33.31
CA ASN A 31 -34.76 0.24 -33.35
C ASN A 31 -35.47 0.46 -32.01
N TYR A 32 -34.77 0.90 -30.96
CA TYR A 32 -35.39 1.08 -29.65
C TYR A 32 -34.97 2.41 -29.04
N TRP A 33 -35.89 3.05 -28.34
CA TRP A 33 -35.53 4.19 -27.49
C TRP A 33 -34.60 3.74 -26.38
N ILE A 34 -33.60 4.58 -26.10
CA ILE A 34 -32.67 4.38 -24.98
C ILE A 34 -32.72 5.64 -24.13
N HIS A 35 -32.81 5.46 -22.80
CA HIS A 35 -33.10 6.56 -21.86
C HIS A 35 -32.08 6.64 -20.74
N TRP A 36 -32.14 7.75 -20.00
CA TRP A 36 -31.35 7.91 -18.79
C TRP A 36 -32.27 8.21 -17.62
N VAL A 37 -31.98 7.59 -16.50
CA VAL A 37 -32.80 7.69 -15.29
C VAL A 37 -31.87 7.94 -14.11
N LYS A 38 -32.29 8.81 -13.19
CA LYS A 38 -31.45 9.26 -12.09
C LYS A 38 -31.98 8.68 -10.79
N GLN A 39 -31.07 8.25 -9.90
CA GLN A 39 -31.47 7.79 -8.57
C GLN A 39 -30.54 8.36 -7.52
N ARG A 40 -31.06 9.21 -6.66
CA ARG A 40 -30.20 9.73 -5.62
CA ARG A 40 -30.27 9.78 -5.59
C ARG A 40 -30.20 8.81 -4.41
N PRO A 41 -29.17 8.96 -3.53
CA PRO A 41 -29.05 8.09 -2.35
C PRO A 41 -30.32 7.97 -1.52
N GLY A 42 -30.90 6.78 -1.48
CA GLY A 42 -32.07 6.55 -0.65
C GLY A 42 -33.40 7.00 -1.22
N GLN A 43 -33.46 7.49 -2.47
CA GLN A 43 -34.71 7.98 -3.03
C GLN A 43 -35.15 7.13 -4.23
N GLY A 44 -36.35 7.46 -4.73
CA GLY A 44 -36.88 6.79 -5.89
C GLY A 44 -36.11 7.17 -7.15
N LEU A 45 -36.69 6.81 -8.27
CA LEU A 45 -36.10 7.02 -9.59
C LEU A 45 -36.76 8.20 -10.29
N GLU A 46 -35.98 8.90 -11.12
CA GLU A 46 -36.41 10.10 -11.82
C GLU A 46 -36.00 10.03 -13.29
N TYR A 47 -36.97 10.20 -14.19
CA TYR A 47 -36.72 10.12 -15.62
C TYR A 47 -36.07 11.42 -16.13
N ILE A 48 -35.05 11.29 -16.97
CA ILE A 48 -34.35 12.47 -17.49
C ILE A 48 -34.71 12.73 -18.94
N GLY A 49 -34.48 11.76 -19.81
CA GLY A 49 -34.65 11.95 -21.24
C GLY A 49 -34.12 10.73 -21.99
N GLY A 50 -34.28 10.79 -23.31
CA GLY A 50 -33.89 9.63 -24.09
C GLY A 50 -33.83 9.97 -25.57
N THR A 51 -33.42 8.98 -26.36
CA THR A 51 -33.20 9.19 -27.78
C THR A 51 -33.52 7.92 -28.55
N TYR A 52 -33.96 8.08 -29.80
CA TYR A 52 -34.20 7.00 -30.72
C TYR A 52 -33.06 6.98 -31.73
N PRO A 53 -32.08 6.07 -31.60
CA PRO A 53 -30.88 6.16 -32.44
C PRO A 53 -31.15 5.96 -33.92
N GLY A 54 -32.29 5.36 -34.28
CA GLY A 54 -32.61 5.18 -35.68
C GLY A 54 -32.74 6.47 -36.46
N ASN A 55 -33.19 7.54 -35.80
CA ASN A 55 -33.32 8.81 -36.52
C ASN A 55 -32.86 10.02 -35.72
N GLY A 56 -32.39 9.85 -34.49
CA GLY A 56 -31.90 10.97 -33.70
C GLY A 56 -32.95 11.70 -32.89
N ASP A 57 -34.23 11.32 -32.97
CA ASP A 57 -35.23 11.93 -32.12
CA ASP A 57 -35.23 11.94 -32.11
C ASP A 57 -34.80 11.87 -30.66
N THR A 58 -34.95 12.98 -29.94
CA THR A 58 -34.51 13.10 -28.56
C THR A 58 -35.53 13.91 -27.79
N THR A 59 -35.95 13.44 -26.62
CA THR A 59 -36.94 14.16 -25.82
C THR A 59 -36.53 14.10 -24.36
N TYR A 60 -37.01 15.08 -23.60
CA TYR A 60 -36.56 15.30 -22.24
C TYR A 60 -37.73 15.56 -21.30
N ASN A 61 -37.62 15.04 -20.09
CA ASN A 61 -38.29 15.65 -18.95
C ASN A 61 -37.96 17.14 -18.94
N GLN A 62 -38.99 17.99 -18.95
CA GLN A 62 -38.76 19.43 -19.07
C GLN A 62 -37.82 19.95 -17.98
N LYS A 63 -37.82 19.34 -16.81
CA LYS A 63 -36.95 19.79 -15.73
C LYS A 63 -35.47 19.76 -16.14
N PHE A 64 -35.08 18.81 -17.00
CA PHE A 64 -33.68 18.64 -17.38
C PHE A 64 -33.31 19.27 -18.72
N LYS A 65 -34.25 19.94 -19.39
CA LYS A 65 -33.93 20.64 -20.63
C LYS A 65 -32.89 21.73 -20.38
N GLY A 66 -31.87 21.80 -21.24
CA GLY A 66 -30.76 22.71 -21.03
C GLY A 66 -29.80 22.31 -19.93
N LYS A 67 -30.09 21.24 -19.19
CA LYS A 67 -29.23 20.68 -18.17
C LYS A 67 -28.57 19.38 -18.63
N ALA A 68 -29.34 18.53 -19.29
CA ALA A 68 -28.88 17.24 -19.78
C ALA A 68 -29.00 17.24 -21.30
N LYS A 69 -28.05 16.59 -21.97
CA LYS A 69 -28.13 16.43 -23.41
C LYS A 69 -27.81 14.96 -23.71
N VAL A 70 -28.76 14.29 -24.36
CA VAL A 70 -28.64 12.86 -24.66
C VAL A 70 -28.31 12.71 -26.14
N THR A 71 -27.34 11.85 -26.45
CA THR A 71 -26.99 11.56 -27.84
C THR A 71 -26.66 10.08 -27.96
N ALA A 72 -26.71 9.57 -29.18
CA ALA A 72 -26.41 8.17 -29.43
C ALA A 72 -25.57 8.08 -30.69
N VAL A 73 -24.63 7.14 -30.71
CA VAL A 73 -23.75 6.93 -31.87
C VAL A 73 -24.01 5.51 -32.34
N THR A 74 -24.64 5.36 -33.52
CA THR A 74 -25.11 4.03 -33.88
C THR A 74 -23.97 3.11 -34.34
N PRO A 75 -22.93 3.61 -35.01
CA PRO A 75 -21.85 2.69 -35.42
C PRO A 75 -21.09 2.05 -34.25
N THR A 76 -21.12 2.66 -33.05
CA THR A 76 -20.50 2.06 -31.87
C THR A 76 -21.53 1.60 -30.86
N SER A 77 -22.81 1.62 -31.22
CA SER A 77 -23.88 1.19 -30.32
C SER A 77 -23.72 1.79 -28.92
N THR A 78 -23.44 3.10 -28.86
CA THR A 78 -23.18 3.77 -27.59
C THR A 78 -24.06 5.00 -27.45
N ALA A 79 -24.71 5.11 -26.29
CA ALA A 79 -25.47 6.29 -25.91
C ALA A 79 -24.70 7.08 -24.86
N TYR A 80 -24.93 8.39 -24.86
CA TYR A 80 -24.21 9.31 -23.98
C TYR A 80 -25.19 10.25 -23.32
N MET A 81 -24.86 10.65 -22.09
CA MET A 81 -25.49 11.81 -21.47
C MET A 81 -24.44 12.79 -21.01
N ASP A 82 -24.65 14.05 -21.37
CA ASP A 82 -23.82 15.14 -20.91
C ASP A 82 -24.63 15.97 -19.94
N LEU A 83 -24.06 16.23 -18.76
CA LEU A 83 -24.68 17.09 -17.75
C LEU A 83 -23.81 18.32 -17.55
N SER A 84 -24.42 19.49 -17.54
CA SER A 84 -23.69 20.75 -17.43
C SER A 84 -24.08 21.48 -16.15
N SER A 85 -23.30 22.52 -15.83
CA SER A 85 -23.54 23.37 -14.65
C SER A 85 -23.76 22.55 -13.39
N LEU A 86 -22.83 21.64 -13.09
CA LEU A 86 -23.08 20.66 -12.05
C LEU A 86 -23.17 21.31 -10.68
N THR A 87 -24.08 20.78 -9.85
CA THR A 87 -24.14 21.13 -8.45
C THR A 87 -24.25 19.84 -7.65
N ASN A 88 -24.39 20.01 -6.33
CA ASN A 88 -24.50 18.90 -5.39
C ASN A 88 -25.74 18.07 -5.63
N GLU A 89 -26.81 18.70 -6.13
CA GLU A 89 -28.05 17.98 -6.40
C GLU A 89 -27.90 16.99 -7.54
N ASP A 90 -26.81 17.09 -8.31
CA ASP A 90 -26.56 16.15 -9.40
C ASP A 90 -25.81 14.89 -8.96
N SER A 91 -25.23 14.85 -7.76
CA SER A 91 -24.61 13.61 -7.27
C SER A 91 -25.68 12.51 -7.15
N ALA A 92 -25.47 11.37 -7.82
CA ALA A 92 -26.51 10.36 -7.92
C ALA A 92 -25.96 9.19 -8.72
N VAL A 93 -26.74 8.10 -8.80
CA VAL A 93 -26.50 7.04 -9.75
C VAL A 93 -27.34 7.31 -10.99
N TYR A 94 -26.73 7.19 -12.18
CA TYR A 94 -27.41 7.38 -13.45
C TYR A 94 -27.47 6.06 -14.20
N TYR A 95 -28.69 5.62 -14.54
CA TYR A 95 -28.87 4.39 -15.30
C TYR A 95 -29.27 4.71 -16.73
N CYS A 96 -28.70 3.98 -17.70
CA CYS A 96 -29.30 3.95 -19.03
C CYS A 96 -30.21 2.73 -19.11
N THR A 97 -31.32 2.88 -19.82
CA THR A 97 -32.30 1.80 -19.90
C THR A 97 -33.03 1.89 -21.24
N ARG A 98 -33.32 0.73 -21.80
CA ARG A 98 -34.05 0.61 -23.05
C ARG A 98 -35.54 0.54 -22.74
N THR A 99 -36.38 1.05 -23.63
CA THR A 99 -37.79 0.67 -23.61
C THR A 99 -38.15 -0.13 -24.86
N GLY A 100 -38.88 -1.23 -24.66
CA GLY A 100 -39.71 -1.82 -25.70
C GLY A 100 -41.12 -1.29 -25.52
N SER A 101 -41.94 -1.99 -24.74
CA SER A 101 -43.17 -1.40 -24.24
C SER A 101 -43.11 -1.16 -22.73
N TYR A 102 -41.92 -1.26 -22.14
CA TYR A 102 -41.61 -0.86 -20.78
C TYR A 102 -40.08 -0.77 -20.69
N PHE A 103 -39.56 -0.38 -19.51
CA PHE A 103 -38.10 -0.26 -19.35
C PHE A 103 -37.56 -1.69 -19.17
N ASP A 104 -37.23 -2.36 -20.28
CA ASP A 104 -37.04 -3.81 -20.19
C ASP A 104 -35.60 -4.25 -19.91
N TYR A 105 -34.61 -3.36 -20.07
CA TYR A 105 -33.23 -3.71 -19.77
C TYR A 105 -32.51 -2.47 -19.24
N TRP A 106 -31.69 -2.66 -18.20
CA TRP A 106 -31.05 -1.56 -17.49
C TRP A 106 -29.55 -1.79 -17.40
N GLY A 107 -28.76 -0.72 -17.54
CA GLY A 107 -27.35 -0.78 -17.25
C GLY A 107 -27.11 -0.88 -15.76
N GLN A 108 -25.84 -1.05 -15.39
CA GLN A 108 -25.49 -1.26 -13.99
C GLN A 108 -25.40 0.04 -13.20
N GLY A 109 -25.47 1.18 -13.86
CA GLY A 109 -25.42 2.45 -13.16
C GLY A 109 -24.05 3.08 -13.22
N THR A 110 -24.02 4.42 -13.27
CA THR A 110 -22.80 5.21 -13.12
C THR A 110 -23.01 6.16 -11.95
N THR A 111 -22.10 6.12 -10.97
CA THR A 111 -22.20 7.01 -9.81
C THR A 111 -21.41 8.28 -10.07
N LEU A 112 -22.10 9.43 -9.99
CA LEU A 112 -21.47 10.74 -10.15
C LEU A 112 -21.41 11.44 -8.81
N THR A 113 -20.23 11.92 -8.44
CA THR A 113 -20.04 12.75 -7.25
C THR A 113 -19.69 14.15 -7.72
N VAL A 114 -20.43 15.15 -7.26
CA VAL A 114 -20.08 16.55 -7.51
C VAL A 114 -19.58 17.14 -6.20
N SER A 115 -18.32 17.60 -6.21
CA SER A 115 -17.67 18.05 -4.98
C SER A 115 -16.41 18.85 -5.31
N SER A 116 -16.07 19.78 -4.43
CA SER A 116 -14.81 20.50 -4.56
C SER A 116 -13.73 19.95 -3.63
N ALA A 117 -13.99 18.84 -2.95
CA ALA A 117 -13.03 18.27 -2.01
C ALA A 117 -11.79 17.77 -2.75
N SER A 118 -10.66 17.77 -2.03
CA SER A 118 -9.39 17.35 -2.59
C SER A 118 -9.29 15.83 -2.63
N THR A 119 -8.77 15.32 -3.74
CA THR A 119 -8.43 13.90 -3.84
C THR A 119 -7.37 13.54 -2.80
N THR A 120 -7.62 12.48 -2.03
CA THR A 120 -6.77 12.11 -0.91
C THR A 120 -6.63 10.58 -0.83
N ALA A 121 -5.39 10.10 -0.74
CA ALA A 121 -5.15 8.66 -0.70
C ALA A 121 -5.52 8.08 0.67
N PRO A 122 -5.90 6.80 0.72
CA PRO A 122 -6.31 6.21 2.00
C PRO A 122 -5.14 5.80 2.87
N SER A 123 -5.34 5.87 4.18
CA SER A 123 -4.52 5.13 5.15
C SER A 123 -5.21 3.81 5.44
N VAL A 124 -4.43 2.73 5.56
CA VAL A 124 -4.96 1.38 5.74
C VAL A 124 -4.43 0.85 7.05
N TYR A 125 -5.33 0.45 7.94
CA TYR A 125 -4.98 0.06 9.30
C TYR A 125 -5.45 -1.36 9.58
N PRO A 126 -4.56 -2.24 10.06
CA PRO A 126 -4.96 -3.61 10.38
C PRO A 126 -5.71 -3.66 11.70
N LEU A 127 -6.74 -4.50 11.74
CA LEU A 127 -7.53 -4.74 12.95
C LEU A 127 -7.30 -6.19 13.38
N ALA A 128 -6.69 -6.39 14.54
CA ALA A 128 -6.51 -7.74 15.05
C ALA A 128 -6.90 -7.80 16.52
N PRO A 129 -7.35 -8.96 16.99
CA PRO A 129 -7.77 -9.08 18.40
C PRO A 129 -6.65 -8.64 19.35
N VAL A 130 -7.04 -8.03 20.47
CA VAL A 130 -6.06 -7.58 21.45
C VAL A 130 -5.31 -8.80 21.98
N CYS A 131 -3.98 -8.69 22.03
CA CYS A 131 -3.06 -9.75 22.46
C CYS A 131 -3.04 -10.96 21.52
N GLY A 132 -3.74 -10.91 20.38
CA GLY A 132 -3.84 -12.05 19.49
C GLY A 132 -4.71 -13.19 19.98
N ASP A 133 -5.38 -13.02 21.11
CA ASP A 133 -6.17 -14.08 21.74
C ASP A 133 -7.47 -14.33 20.96
N THR A 134 -8.12 -15.44 21.26
CA THR A 134 -9.41 -15.76 20.65
C THR A 134 -10.40 -16.13 21.73
N THR A 135 -11.66 -16.28 21.34
CA THR A 135 -12.69 -16.75 22.28
C THR A 135 -13.34 -18.05 21.84
N GLY A 136 -12.89 -18.65 20.74
CA GLY A 136 -13.43 -19.92 20.31
C GLY A 136 -12.79 -20.42 19.03
N SER A 137 -13.53 -21.23 18.27
CA SER A 137 -12.97 -21.87 17.08
C SER A 137 -12.97 -20.95 15.87
N SER A 138 -13.54 -19.75 15.99
CA SER A 138 -13.47 -18.70 14.97
C SER A 138 -12.79 -17.46 15.54
N VAL A 139 -12.11 -16.73 14.67
CA VAL A 139 -11.52 -15.44 15.01
C VAL A 139 -11.86 -14.44 13.90
N THR A 140 -12.22 -13.23 14.31
CA THR A 140 -12.54 -12.14 13.37
C THR A 140 -11.38 -11.14 13.31
N LEU A 141 -10.92 -10.84 12.10
CA LEU A 141 -9.94 -9.80 11.81
C LEU A 141 -10.60 -8.70 11.00
N GLY A 142 -9.85 -7.62 10.76
CA GLY A 142 -10.43 -6.57 9.96
C GLY A 142 -9.40 -5.63 9.38
N CYS A 143 -9.93 -4.70 8.57
CA CYS A 143 -9.16 -3.72 7.84
C CYS A 143 -9.93 -2.40 7.92
N LEU A 144 -9.29 -1.33 8.38
CA LEU A 144 -9.91 -0.01 8.49
C LEU A 144 -9.25 0.91 7.47
N VAL A 145 -10.06 1.46 6.57
CA VAL A 145 -9.57 2.28 5.48
C VAL A 145 -10.12 3.69 5.69
N LYS A 146 -9.23 4.63 5.92
CA LYS A 146 -9.66 5.90 6.48
C LYS A 146 -9.07 7.06 5.68
N GLY A 147 -9.85 8.15 5.61
CA GLY A 147 -9.30 9.41 5.16
C GLY A 147 -9.07 9.52 3.67
N TYR A 148 -9.92 8.95 2.85
CA TYR A 148 -9.71 9.03 1.41
C TYR A 148 -10.86 9.77 0.73
N PHE A 149 -10.58 10.23 -0.50
CA PHE A 149 -11.57 10.89 -1.34
C PHE A 149 -11.04 10.89 -2.78
N PRO A 150 -11.90 10.69 -3.78
CA PRO A 150 -13.32 10.33 -3.74
C PRO A 150 -13.52 8.81 -3.62
N GLU A 151 -14.78 8.37 -3.65
CA GLU A 151 -15.06 6.96 -3.89
C GLU A 151 -14.68 6.60 -5.33
N PRO A 152 -14.46 5.30 -5.62
CA PRO A 152 -14.45 4.15 -4.72
C PRO A 152 -13.04 3.67 -4.31
N VAL A 153 -12.99 2.91 -3.24
CA VAL A 153 -11.88 2.00 -3.01
C VAL A 153 -12.43 0.59 -3.20
N THR A 154 -11.59 -0.30 -3.69
CA THR A 154 -11.90 -1.72 -3.68
C THR A 154 -11.05 -2.42 -2.63
N LEU A 155 -11.66 -3.33 -1.89
CA LEU A 155 -11.00 -4.06 -0.82
C LEU A 155 -11.22 -5.55 -1.05
N THR A 156 -10.14 -6.31 -1.06
CA THR A 156 -10.22 -7.76 -1.11
C THR A 156 -9.33 -8.34 -0.02
N TRP A 157 -9.51 -9.63 0.22
CA TRP A 157 -8.73 -10.37 1.19
C TRP A 157 -7.95 -11.45 0.45
N ASN A 158 -6.64 -11.51 0.71
CA ASN A 158 -5.76 -12.49 0.07
C ASN A 158 -5.97 -12.51 -1.45
N SER A 159 -6.08 -11.30 -2.04
CA SER A 159 -6.22 -11.14 -3.48
C SER A 159 -7.51 -11.80 -4.00
N GLY A 160 -8.55 -11.77 -3.18
CA GLY A 160 -9.83 -12.32 -3.56
C GLY A 160 -9.98 -13.80 -3.31
N SER A 161 -8.90 -14.51 -2.97
CA SER A 161 -9.03 -15.94 -2.73
C SER A 161 -9.75 -16.22 -1.41
N LEU A 162 -9.80 -15.26 -0.50
CA LEU A 162 -10.53 -15.39 0.76
C LEU A 162 -11.81 -14.56 0.60
N SER A 163 -12.91 -15.23 0.32
CA SER A 163 -14.15 -14.51 0.04
C SER A 163 -15.30 -14.82 0.98
N SER A 164 -15.35 -16.01 1.57
CA SER A 164 -16.45 -16.27 2.49
C SER A 164 -16.09 -15.75 3.88
N GLY A 165 -17.13 -15.48 4.68
CA GLY A 165 -16.92 -14.89 5.99
C GLY A 165 -16.56 -13.41 5.96
N VAL A 166 -16.70 -12.73 4.83
CA VAL A 166 -16.31 -11.33 4.70
C VAL A 166 -17.54 -10.43 4.79
N HIS A 167 -17.41 -9.35 5.56
CA HIS A 167 -18.39 -8.26 5.57
C HIS A 167 -17.63 -6.98 5.26
N THR A 168 -17.92 -6.37 4.13
CA THR A 168 -17.31 -5.10 3.75
C THR A 168 -18.40 -4.05 3.77
N PHE A 169 -18.21 -3.04 4.60
CA PHE A 169 -19.26 -2.09 4.93
C PHE A 169 -19.22 -0.89 3.97
N PRO A 170 -20.39 -0.30 3.68
CA PRO A 170 -20.43 0.94 2.88
C PRO A 170 -19.61 2.07 3.51
N ALA A 171 -18.90 2.81 2.66
CA ALA A 171 -18.12 3.96 3.13
C ALA A 171 -19.03 5.06 3.70
N VAL A 172 -18.55 5.71 4.76
CA VAL A 172 -19.26 6.84 5.38
C VAL A 172 -18.43 8.08 5.17
N LEU A 173 -19.07 9.14 4.68
CA LEU A 173 -18.43 10.43 4.46
C LEU A 173 -18.49 11.28 5.73
N GLN A 174 -17.35 11.86 6.11
CA GLN A 174 -17.35 12.88 7.15
C GLN A 174 -16.27 13.92 6.82
N SER A 175 -16.66 15.19 6.84
CA SER A 175 -15.72 16.28 6.58
C SER A 175 -14.89 16.01 5.32
N ASP A 176 -15.58 15.67 4.23
CA ASP A 176 -14.97 15.51 2.89
C ASP A 176 -14.02 14.31 2.81
N LEU A 177 -14.05 13.41 3.78
CA LEU A 177 -13.21 12.21 3.70
C LEU A 177 -14.04 10.98 4.06
N TYR A 178 -13.76 9.86 3.39
CA TYR A 178 -14.47 8.62 3.59
C TYR A 178 -13.73 7.71 4.58
N THR A 179 -14.52 6.92 5.32
CA THR A 179 -14.04 5.83 6.16
C THR A 179 -14.75 4.57 5.74
N LEU A 180 -14.00 3.50 5.52
CA LEU A 180 -14.58 2.21 5.18
C LEU A 180 -13.94 1.14 6.06
N SER A 181 -14.66 0.05 6.28
CA SER A 181 -14.07 -1.04 7.03
C SER A 181 -14.56 -2.35 6.46
N SER A 182 -13.86 -3.42 6.83
CA SER A 182 -14.21 -4.77 6.38
C SER A 182 -13.74 -5.75 7.44
N SER A 183 -14.59 -6.73 7.76
CA SER A 183 -14.23 -7.79 8.70
C SER A 183 -14.15 -9.11 7.96
N VAL A 184 -13.34 -10.03 8.48
CA VAL A 184 -13.22 -11.36 7.92
C VAL A 184 -13.10 -12.34 9.07
N THR A 185 -13.88 -13.42 9.00
CA THR A 185 -13.93 -14.41 10.05
C THR A 185 -13.39 -15.70 9.50
N VAL A 186 -12.40 -16.28 10.19
CA VAL A 186 -11.76 -17.52 9.80
C VAL A 186 -11.73 -18.45 11.01
N THR A 187 -11.35 -19.71 10.77
CA THR A 187 -11.19 -20.64 11.87
C THR A 187 -9.92 -20.30 12.66
N SER A 188 -9.99 -20.52 13.98
CA SER A 188 -8.89 -20.19 14.87
C SER A 188 -7.64 -21.04 14.67
N SER A 189 -7.72 -22.16 13.97
CA SER A 189 -6.50 -22.89 13.60
C SER A 189 -5.98 -22.47 12.22
N THR A 190 -6.63 -21.50 11.57
CA THR A 190 -6.25 -20.90 10.30
C THR A 190 -5.30 -19.71 10.46
N TRP A 191 -5.69 -18.76 11.31
CA TRP A 191 -4.88 -17.58 11.62
C TRP A 191 -4.48 -17.60 13.09
N PRO A 192 -3.25 -17.19 13.42
CA PRO A 192 -2.22 -16.60 12.55
C PRO A 192 -1.30 -17.56 11.78
N SER A 193 -1.51 -18.88 11.88
CA SER A 193 -0.56 -19.79 11.23
C SER A 193 -0.54 -19.61 9.71
N GLN A 194 -1.65 -19.14 9.12
CA GLN A 194 -1.72 -18.82 7.69
C GLN A 194 -1.88 -17.31 7.51
N SER A 195 -1.32 -16.81 6.41
CA SER A 195 -1.27 -15.37 6.17
C SER A 195 -2.62 -14.82 5.73
N ILE A 196 -3.02 -13.70 6.32
CA ILE A 196 -4.21 -12.97 5.88
C ILE A 196 -3.83 -11.52 5.64
N THR A 197 -4.17 -11.02 4.46
CA THR A 197 -3.74 -9.72 3.96
C THR A 197 -4.94 -9.01 3.37
N CYS A 198 -5.18 -7.75 3.76
CA CYS A 198 -6.22 -6.96 3.09
C CYS A 198 -5.58 -6.13 1.98
N ASN A 199 -6.17 -6.19 0.79
CA ASN A 199 -5.68 -5.47 -0.37
C ASN A 199 -6.64 -4.33 -0.71
N VAL A 200 -6.09 -3.13 -0.82
CA VAL A 200 -6.89 -1.92 -0.98
C VAL A 200 -6.39 -1.18 -2.21
N ALA A 201 -7.29 -0.87 -3.13
CA ALA A 201 -6.96 -0.07 -4.31
C ALA A 201 -7.81 1.20 -4.29
N HIS A 202 -7.16 2.35 -4.51
CA HIS A 202 -7.82 3.64 -4.65
C HIS A 202 -7.36 4.25 -5.96
N PRO A 203 -8.02 3.94 -7.08
CA PRO A 203 -7.52 4.41 -8.38
C PRO A 203 -7.47 5.93 -8.53
N ALA A 204 -8.37 6.66 -7.87
CA ALA A 204 -8.34 8.12 -7.99
C ALA A 204 -7.01 8.72 -7.54
N SER A 205 -6.35 8.13 -6.54
CA SER A 205 -5.03 8.62 -6.14
C SER A 205 -3.91 7.74 -6.68
N SER A 206 -4.23 6.78 -7.56
CA SER A 206 -3.23 5.91 -8.15
C SER A 206 -2.51 5.08 -7.08
N THR A 207 -3.27 4.59 -6.10
CA THR A 207 -2.72 3.91 -4.92
C THR A 207 -3.23 2.48 -4.81
N LYS A 208 -2.32 1.56 -4.47
CA LYS A 208 -2.65 0.21 -4.00
C LYS A 208 -1.85 -0.07 -2.73
N VAL A 209 -2.51 -0.66 -1.73
CA VAL A 209 -1.87 -1.00 -0.47
C VAL A 209 -2.22 -2.45 -0.14
N ASP A 210 -1.21 -3.24 0.25
CA ASP A 210 -1.40 -4.53 0.91
C ASP A 210 -0.96 -4.44 2.37
N LYS A 211 -1.86 -4.80 3.28
CA LYS A 211 -1.56 -4.79 4.71
C LYS A 211 -1.77 -6.21 5.27
N LYS A 212 -0.70 -6.86 5.70
CA LYS A 212 -0.82 -8.15 6.36
C LYS A 212 -1.27 -7.95 7.80
N ILE A 213 -2.21 -8.79 8.25
CA ILE A 213 -2.72 -8.73 9.62
C ILE A 213 -1.87 -9.62 10.51
N GLU A 214 -1.10 -9.01 11.42
CA GLU A 214 -0.19 -9.68 12.35
C GLU A 214 -0.81 -9.73 13.74
N PRO A 215 -0.62 -10.82 14.47
CA PRO A 215 -1.10 -10.86 15.86
C PRO A 215 -0.36 -9.85 16.73
N ARG A 216 -1.06 -9.37 17.76
CA ARG A 216 -0.48 -8.46 18.75
C ARG A 216 0.44 -7.41 18.13
N ILE B 2 -47.16 13.03 -12.66
CA ILE B 2 -48.10 12.34 -11.77
C ILE B 2 -47.37 11.78 -10.54
N VAL B 3 -47.89 12.05 -9.35
CA VAL B 3 -47.31 11.53 -8.12
C VAL B 3 -47.91 10.14 -7.84
N LEU B 4 -47.05 9.14 -7.68
CA LEU B 4 -47.45 7.81 -7.26
C LEU B 4 -46.99 7.60 -5.82
N THR B 5 -47.89 7.12 -4.97
CA THR B 5 -47.61 6.91 -3.56
C THR B 5 -47.67 5.42 -3.27
N GLN B 6 -46.58 4.89 -2.72
CA GLN B 6 -46.51 3.47 -2.38
C GLN B 6 -46.66 3.25 -0.89
N SER B 7 -47.36 2.19 -0.53
CA SER B 7 -47.65 1.82 0.85
C SER B 7 -47.50 0.32 0.96
N PRO B 8 -46.91 -0.19 2.07
CA PRO B 8 -46.21 0.59 3.10
C PRO B 8 -44.80 0.97 2.60
N ALA B 9 -44.13 1.90 3.28
CA ALA B 9 -42.76 2.21 2.89
C ALA B 9 -41.82 1.04 3.19
N ILE B 10 -41.98 0.40 4.34
CA ILE B 10 -41.13 -0.72 4.76
C ILE B 10 -42.02 -1.80 5.34
N MET B 11 -41.69 -3.06 5.05
CA MET B 11 -42.35 -4.18 5.71
C MET B 11 -41.44 -5.39 5.66
N SER B 12 -41.65 -6.29 6.60
CA SER B 12 -40.98 -7.57 6.61
C SER B 12 -42.05 -8.67 6.53
N ALA B 13 -41.65 -9.83 6.00
CA ALA B 13 -42.59 -10.94 5.85
C ALA B 13 -41.84 -12.25 6.03
N SER B 14 -42.50 -13.20 6.69
CA SER B 14 -41.92 -14.51 6.95
C SER B 14 -41.92 -15.36 5.69
N PRO B 15 -41.04 -16.34 5.59
CA PRO B 15 -41.15 -17.29 4.48
C PRO B 15 -42.53 -17.94 4.47
N GLY B 16 -43.13 -18.02 3.28
CA GLY B 16 -44.46 -18.58 3.11
C GLY B 16 -45.61 -17.59 3.26
N GLU B 17 -45.37 -16.43 3.84
CA GLU B 17 -46.44 -15.49 4.12
C GLU B 17 -46.89 -14.77 2.84
N LYS B 18 -48.19 -14.51 2.75
CA LYS B 18 -48.69 -13.75 1.61
C LYS B 18 -48.38 -12.27 1.83
N VAL B 19 -48.00 -11.58 0.76
CA VAL B 19 -47.59 -10.18 0.82
C VAL B 19 -48.37 -9.41 -0.23
N THR B 20 -48.91 -8.25 0.16
CA THR B 20 -49.53 -7.34 -0.79
C THR B 20 -49.03 -5.93 -0.53
N ILE B 21 -48.53 -5.27 -1.56
CA ILE B 21 -48.10 -3.87 -1.46
C ILE B 21 -48.94 -3.06 -2.45
N SER B 22 -49.01 -1.73 -2.21
CA SER B 22 -49.95 -0.87 -2.91
C SER B 22 -49.29 0.30 -3.62
N CYS B 23 -49.97 0.75 -4.69
CA CYS B 23 -49.60 1.95 -5.42
C CYS B 23 -50.88 2.77 -5.61
N SER B 24 -50.80 4.05 -5.28
CA SER B 24 -51.94 4.96 -5.37
C SER B 24 -51.54 6.17 -6.18
N ALA B 25 -52.35 6.55 -7.17
CA ALA B 25 -52.00 7.66 -8.04
C ALA B 25 -52.96 8.84 -7.83
N THR B 26 -52.42 10.05 -8.03
CA THR B 26 -53.24 11.25 -7.93
C THR B 26 -54.20 11.41 -9.11
N SER B 27 -53.95 10.72 -10.23
CA SER B 27 -54.80 10.77 -11.40
C SER B 27 -55.04 9.34 -11.88
N SER B 28 -56.17 9.10 -12.54
CA SER B 28 -56.37 7.76 -13.04
C SER B 28 -55.32 7.43 -14.09
N VAL B 29 -54.85 6.19 -14.07
CA VAL B 29 -53.90 5.72 -15.06
C VAL B 29 -54.45 4.41 -15.61
N SER B 30 -54.19 4.16 -16.89
CA SER B 30 -54.72 2.99 -17.56
C SER B 30 -54.01 1.69 -17.19
N TYR B 31 -52.71 1.79 -16.90
CA TYR B 31 -51.85 0.67 -16.51
C TYR B 31 -50.88 1.13 -15.44
N ILE B 32 -50.38 0.17 -14.64
CA ILE B 32 -49.21 0.41 -13.81
C ILE B 32 -48.15 -0.64 -14.13
N TYR B 33 -46.90 -0.26 -13.92
CA TYR B 33 -45.73 -1.12 -14.12
C TYR B 33 -44.95 -1.19 -12.82
N TRP B 34 -44.35 -2.36 -12.56
CA TRP B 34 -43.59 -2.58 -11.34
C TRP B 34 -42.18 -3.03 -11.68
N TYR B 35 -41.22 -2.51 -10.93
CA TYR B 35 -39.80 -2.80 -11.06
C TYR B 35 -39.27 -3.29 -9.72
N GLN B 36 -38.34 -4.24 -9.76
CA GLN B 36 -37.69 -4.77 -8.58
C GLN B 36 -36.25 -4.29 -8.57
N GLN B 37 -35.78 -3.82 -7.41
CA GLN B 37 -34.37 -3.45 -7.26
C GLN B 37 -33.80 -4.14 -6.03
N ARG B 38 -32.86 -5.08 -6.26
CA ARG B 38 -32.14 -5.75 -5.18
C ARG B 38 -31.02 -4.87 -4.66
N PRO B 39 -30.70 -4.97 -3.38
CA PRO B 39 -29.67 -4.10 -2.81
C PRO B 39 -28.37 -4.17 -3.60
N GLY B 40 -27.88 -3.00 -4.01
CA GLY B 40 -26.63 -2.91 -4.73
C GLY B 40 -26.71 -3.05 -6.23
N SER B 41 -27.89 -3.26 -6.81
CA SER B 41 -27.94 -3.49 -8.25
C SER B 41 -29.00 -2.59 -8.89
N SER B 42 -29.07 -2.65 -10.21
CA SER B 42 -29.99 -1.83 -10.99
C SER B 42 -31.43 -2.34 -10.86
N PRO B 43 -32.42 -1.48 -11.12
CA PRO B 43 -33.81 -1.97 -11.21
C PRO B 43 -33.96 -2.98 -12.34
N LYS B 44 -34.98 -3.85 -12.20
CA LYS B 44 -35.35 -4.79 -13.25
C LYS B 44 -36.86 -4.77 -13.45
N PRO B 45 -37.36 -4.90 -14.68
CA PRO B 45 -38.82 -5.00 -14.86
C PRO B 45 -39.36 -6.22 -14.15
N TRP B 46 -40.55 -6.08 -13.56
CA TRP B 46 -41.10 -7.17 -12.78
C TRP B 46 -42.51 -7.51 -13.25
N ILE B 47 -43.36 -6.49 -13.43
CA ILE B 47 -44.72 -6.64 -13.91
C ILE B 47 -44.99 -5.51 -14.89
N TYR B 48 -45.49 -5.82 -16.08
CA TYR B 48 -45.80 -4.78 -17.04
C TYR B 48 -47.29 -4.81 -17.36
N ARG B 49 -47.85 -3.62 -17.66
CA ARG B 49 -49.29 -3.43 -17.93
C ARG B 49 -50.14 -4.14 -16.87
N THR B 50 -49.82 -3.84 -15.62
CA THR B 50 -50.65 -4.15 -14.46
C THR B 50 -50.51 -5.58 -13.97
N SER B 51 -50.50 -6.55 -14.89
CA SER B 51 -50.63 -7.94 -14.45
C SER B 51 -49.76 -8.94 -15.21
N ASN B 52 -48.98 -8.52 -16.20
CA ASN B 52 -48.12 -9.44 -16.93
C ASN B 52 -46.76 -9.55 -16.27
N LEU B 53 -46.28 -10.78 -16.10
CA LEU B 53 -44.99 -11.00 -15.46
C LEU B 53 -43.84 -10.83 -16.46
N ALA B 54 -42.80 -10.11 -16.03
CA ALA B 54 -41.64 -9.90 -16.90
C ALA B 54 -40.83 -11.18 -17.01
N SER B 55 -39.81 -11.15 -17.86
CA SER B 55 -39.03 -12.35 -18.13
C SER B 55 -38.35 -12.81 -16.84
N GLY B 56 -38.50 -14.10 -16.53
CA GLY B 56 -37.85 -14.69 -15.37
C GLY B 56 -38.57 -14.52 -14.04
N VAL B 57 -39.68 -13.80 -13.99
CA VAL B 57 -40.36 -13.51 -12.72
C VAL B 57 -41.17 -14.73 -12.30
N PRO B 58 -41.00 -15.24 -11.08
CA PRO B 58 -41.70 -16.48 -10.69
C PRO B 58 -43.20 -16.28 -10.54
N VAL B 59 -43.93 -17.39 -10.68
CA VAL B 59 -45.40 -17.36 -10.73
C VAL B 59 -46.03 -16.91 -9.42
N ARG B 60 -45.31 -16.94 -8.29
CA ARG B 60 -45.95 -16.49 -7.05
C ARG B 60 -46.25 -14.99 -7.05
N PHE B 61 -45.77 -14.24 -8.03
CA PHE B 61 -46.04 -12.81 -8.16
C PHE B 61 -47.28 -12.58 -9.03
N SER B 62 -48.07 -11.57 -8.68
CA SER B 62 -49.18 -11.14 -9.50
C SER B 62 -49.46 -9.66 -9.23
N GLY B 63 -50.14 -9.02 -10.18
CA GLY B 63 -50.52 -7.63 -10.01
C GLY B 63 -51.96 -7.43 -10.45
N SER B 64 -52.58 -6.38 -9.90
CA SER B 64 -53.93 -6.06 -10.32
C SER B 64 -54.22 -4.62 -9.91
N GLY B 65 -55.42 -4.17 -10.23
CA GLY B 65 -55.86 -2.83 -9.92
C GLY B 65 -56.44 -2.15 -11.14
N SER B 66 -56.85 -0.90 -10.93
CA SER B 66 -57.40 -0.08 -12.00
C SER B 66 -57.57 1.33 -11.44
N GLY B 67 -57.79 2.27 -12.34
CA GLY B 67 -58.11 3.62 -11.92
C GLY B 67 -56.94 4.31 -11.25
N THR B 68 -57.05 4.57 -9.95
CA THR B 68 -56.00 5.22 -9.19
C THR B 68 -55.33 4.29 -8.19
N SER B 69 -55.59 2.98 -8.26
CA SER B 69 -55.27 2.08 -7.16
C SER B 69 -54.80 0.73 -7.70
N TYR B 70 -53.54 0.38 -7.44
CA TYR B 70 -52.96 -0.85 -7.96
C TYR B 70 -52.20 -1.57 -6.85
N SER B 71 -51.98 -2.87 -7.05
CA SER B 71 -51.27 -3.63 -6.04
C SER B 71 -50.44 -4.74 -6.69
N LEU B 72 -49.40 -5.16 -5.97
CA LEU B 72 -48.54 -6.28 -6.35
C LEU B 72 -48.59 -7.29 -5.21
N THR B 73 -48.78 -8.56 -5.55
CA THR B 73 -48.98 -9.59 -4.54
C THR B 73 -47.97 -10.70 -4.69
N ILE B 74 -47.46 -11.19 -3.57
CA ILE B 74 -46.65 -12.40 -3.51
C ILE B 74 -47.42 -13.45 -2.75
N SER B 75 -47.71 -14.56 -3.41
CA SER B 75 -48.55 -15.59 -2.79
C SER B 75 -47.84 -16.24 -1.61
N ASN B 76 -46.54 -16.49 -1.73
CA ASN B 76 -45.76 -17.00 -0.61
C ASN B 76 -44.35 -16.42 -0.68
N MET B 77 -43.97 -15.74 0.39
CA MET B 77 -42.73 -14.98 0.39
C MET B 77 -41.53 -15.93 0.45
N GLU B 78 -40.51 -15.62 -0.34
CA GLU B 78 -39.24 -16.34 -0.33
C GLU B 78 -38.12 -15.34 -0.12
N ALA B 79 -36.98 -15.84 0.36
CA ALA B 79 -35.88 -14.97 0.75
C ALA B 79 -35.43 -14.10 -0.41
N GLU B 80 -35.42 -14.63 -1.63
CA GLU B 80 -35.00 -13.89 -2.81
C GLU B 80 -35.97 -12.78 -3.19
N ASP B 81 -37.16 -12.72 -2.59
CA ASP B 81 -38.11 -11.63 -2.84
C ASP B 81 -37.82 -10.37 -2.03
N ALA B 82 -36.94 -10.44 -1.04
CA ALA B 82 -36.60 -9.26 -0.27
C ALA B 82 -35.91 -8.26 -1.19
N ALA B 83 -36.52 -7.09 -1.36
CA ALA B 83 -36.03 -6.13 -2.32
C ALA B 83 -36.89 -4.87 -2.24
N THR B 84 -36.52 -3.84 -3.01
CA THR B 84 -37.35 -2.65 -3.12
C THR B 84 -38.14 -2.76 -4.41
N TYR B 85 -39.44 -2.51 -4.33
CA TYR B 85 -40.33 -2.54 -5.48
C TYR B 85 -40.83 -1.13 -5.76
N TYR B 86 -40.78 -0.73 -7.02
CA TYR B 86 -41.25 0.58 -7.48
C TYR B 86 -42.40 0.40 -8.45
N CYS B 87 -43.44 1.21 -8.31
CA CYS B 87 -44.45 1.28 -9.36
C CYS B 87 -44.10 2.44 -10.30
N GLN B 88 -44.76 2.46 -11.47
CA GLN B 88 -44.35 3.38 -12.53
C GLN B 88 -45.50 3.52 -13.52
N GLN B 89 -45.63 4.71 -14.11
CA GLN B 89 -46.76 5.06 -14.96
C GLN B 89 -46.27 5.73 -16.24
N TYR B 90 -46.95 5.43 -17.36
CA TYR B 90 -46.78 6.15 -18.62
C TYR B 90 -48.06 6.86 -19.04
N GLN B 91 -49.00 7.07 -18.13
CA GLN B 91 -50.23 7.75 -18.51
C GLN B 91 -49.95 9.16 -19.00
N SER B 92 -49.09 9.89 -18.31
CA SER B 92 -48.64 11.22 -18.73
C SER B 92 -47.12 11.23 -18.83
N TYR B 93 -46.60 12.29 -19.47
CA TYR B 93 -45.19 12.51 -19.69
C TYR B 93 -44.70 13.61 -18.77
N PRO B 94 -43.54 13.44 -18.12
CA PRO B 94 -42.63 12.29 -18.20
C PRO B 94 -43.12 11.06 -17.40
N PRO B 95 -42.59 9.87 -17.71
CA PRO B 95 -42.84 8.72 -16.85
C PRO B 95 -42.39 9.05 -15.43
N THR B 96 -43.15 8.56 -14.44
CA THR B 96 -42.75 8.75 -13.05
C THR B 96 -42.81 7.42 -12.31
N PHE B 97 -42.07 7.34 -11.20
CA PHE B 97 -42.00 6.17 -10.33
C PHE B 97 -42.48 6.53 -8.93
N GLY B 98 -42.97 5.54 -8.19
CA GLY B 98 -43.21 5.69 -6.77
C GLY B 98 -41.89 5.73 -6.02
N ALA B 99 -41.95 6.05 -4.71
CA ALA B 99 -40.72 6.12 -3.94
C ALA B 99 -40.24 4.76 -3.44
N GLY B 100 -41.02 3.71 -3.61
CA GLY B 100 -40.52 2.40 -3.25
C GLY B 100 -41.26 1.83 -2.04
N THR B 101 -41.40 0.51 -2.04
CA THR B 101 -41.71 -0.28 -0.86
C THR B 101 -40.51 -1.19 -0.66
N LYS B 102 -39.89 -1.11 0.52
CA LYS B 102 -38.78 -2.00 0.85
C LYS B 102 -39.35 -3.23 1.54
N LEU B 103 -39.17 -4.40 0.95
CA LEU B 103 -39.63 -5.66 1.52
C LEU B 103 -38.45 -6.42 2.10
N GLU B 104 -38.51 -6.73 3.40
CA GLU B 104 -37.47 -7.48 4.10
C GLU B 104 -37.98 -8.87 4.47
N LEU B 105 -37.06 -9.83 4.56
CA LEU B 105 -37.42 -11.17 4.96
C LEU B 105 -37.31 -11.30 6.48
N LYS B 106 -38.41 -11.65 7.14
CA LYS B 106 -38.41 -11.86 8.58
C LYS B 106 -37.91 -13.27 8.87
N ARG B 107 -36.67 -13.38 9.34
CA ARG B 107 -36.14 -14.66 9.80
C ARG B 107 -36.18 -14.70 11.32
N THR B 108 -35.61 -15.73 11.91
CA THR B 108 -35.64 -15.79 13.36
C THR B 108 -34.57 -14.88 13.97
N ASP B 109 -34.80 -14.46 15.20
CA ASP B 109 -33.89 -13.52 15.84
C ASP B 109 -32.50 -14.13 15.97
N ALA B 110 -31.48 -13.30 15.85
CA ALA B 110 -30.11 -13.75 16.10
C ALA B 110 -29.34 -12.60 16.74
N ALA B 111 -28.61 -12.89 17.80
CA ALA B 111 -27.79 -11.88 18.46
C ALA B 111 -26.55 -11.55 17.61
N PRO B 112 -26.05 -10.31 17.67
CA PRO B 112 -24.80 -9.98 16.96
C PRO B 112 -23.63 -10.71 17.58
N THR B 113 -22.68 -11.11 16.73
CA THR B 113 -21.35 -11.51 17.19
C THR B 113 -20.47 -10.27 17.22
N VAL B 114 -20.04 -9.89 18.41
CA VAL B 114 -19.36 -8.61 18.64
C VAL B 114 -17.86 -8.83 18.74
N SER B 115 -17.10 -7.98 18.04
CA SER B 115 -15.64 -7.99 18.05
C SER B 115 -15.16 -6.56 18.21
N ILE B 116 -14.24 -6.33 19.15
CA ILE B 116 -13.70 -5.00 19.35
C ILE B 116 -12.20 -5.01 19.03
N PHE B 117 -11.70 -3.88 18.52
CA PHE B 117 -10.33 -3.80 18.04
C PHE B 117 -9.67 -2.50 18.48
N PRO B 118 -8.49 -2.56 19.09
CA PRO B 118 -7.80 -1.33 19.51
C PRO B 118 -7.25 -0.59 18.30
N PRO B 119 -6.85 0.67 18.48
CA PRO B 119 -6.09 1.35 17.42
C PRO B 119 -4.83 0.57 17.06
N SER B 120 -4.48 0.59 15.78
CA SER B 120 -3.26 -0.03 15.31
C SER B 120 -2.03 0.82 15.66
N SER B 121 -0.88 0.17 15.74
CA SER B 121 0.35 0.93 15.95
C SER B 121 0.55 1.94 14.81
N GLU B 122 0.22 1.56 13.57
CA GLU B 122 0.38 2.47 12.44
C GLU B 122 -0.42 3.75 12.62
N GLN B 123 -1.66 3.64 13.07
CA GLN B 123 -2.47 4.85 13.21
C GLN B 123 -1.94 5.72 14.34
N LEU B 124 -1.51 5.10 15.43
CA LEU B 124 -0.95 5.87 16.55
C LEU B 124 0.25 6.70 16.11
N THR B 125 1.13 6.16 15.25
CA THR B 125 2.26 6.93 14.78
C THR B 125 1.84 8.21 14.05
N SER B 126 0.59 8.30 13.58
CA SER B 126 0.11 9.51 12.94
C SER B 126 -0.70 10.43 13.87
N GLY B 127 -0.81 10.11 15.16
CA GLY B 127 -1.51 11.00 16.08
C GLY B 127 -3.00 10.75 16.25
N GLY B 128 -3.58 9.76 15.58
CA GLY B 128 -4.97 9.43 15.73
C GLY B 128 -5.15 8.06 16.36
N ALA B 129 -6.38 7.77 16.76
CA ALA B 129 -6.66 6.51 17.45
C ALA B 129 -8.14 6.16 17.24
N SER B 130 -8.41 5.16 16.40
CA SER B 130 -9.77 4.68 16.16
C SER B 130 -9.96 3.34 16.84
N VAL B 131 -11.04 3.21 17.59
CA VAL B 131 -11.48 1.92 18.11
C VAL B 131 -12.63 1.44 17.24
N VAL B 132 -12.60 0.16 16.87
CA VAL B 132 -13.57 -0.39 15.94
C VAL B 132 -14.33 -1.52 16.61
N CYS B 133 -15.63 -1.56 16.37
CA CYS B 133 -16.49 -2.62 16.86
C CYS B 133 -17.30 -3.17 15.69
N PHE B 134 -17.22 -4.48 15.45
CA PHE B 134 -18.08 -5.14 14.48
C PHE B 134 -19.21 -5.86 15.22
N LEU B 135 -20.43 -5.72 14.72
CA LEU B 135 -21.59 -6.43 15.26
C LEU B 135 -22.18 -7.20 14.08
N ASN B 136 -21.88 -8.50 14.00
CA ASN B 136 -22.08 -9.25 12.77
C ASN B 136 -23.21 -10.26 12.90
N ASN B 137 -24.05 -10.32 11.85
CA ASN B 137 -25.00 -11.39 11.60
C ASN B 137 -26.09 -11.42 12.66
N PHE B 138 -26.80 -10.31 12.82
CA PHE B 138 -27.89 -10.23 13.78
C PHE B 138 -29.22 -9.98 13.08
N TYR B 139 -30.30 -10.29 13.79
CA TYR B 139 -31.67 -10.03 13.34
C TYR B 139 -32.56 -9.89 14.57
N PRO B 140 -33.45 -8.88 14.64
CA PRO B 140 -33.76 -7.87 13.60
C PRO B 140 -32.73 -6.74 13.51
N LYS B 141 -32.97 -5.80 12.60
CA LYS B 141 -32.00 -4.73 12.35
C LYS B 141 -31.96 -3.70 13.46
N ASP B 142 -33.01 -3.61 14.27
CA ASP B 142 -33.06 -2.66 15.38
C ASP B 142 -31.98 -2.94 16.42
N ILE B 143 -30.99 -2.06 16.50
CA ILE B 143 -29.86 -2.22 17.41
C ILE B 143 -29.38 -0.83 17.80
N ASN B 144 -28.85 -0.73 19.02
CA ASN B 144 -28.25 0.50 19.50
C ASN B 144 -26.86 0.20 20.05
N VAL B 145 -25.84 0.92 19.58
CA VAL B 145 -24.46 0.73 19.98
C VAL B 145 -24.00 1.95 20.78
N LYS B 146 -23.37 1.70 21.93
CA LYS B 146 -22.78 2.75 22.75
C LYS B 146 -21.31 2.46 22.97
N TRP B 147 -20.51 3.52 22.98
CA TRP B 147 -19.10 3.45 23.34
C TRP B 147 -18.92 4.00 24.75
N LYS B 148 -18.22 3.26 25.61
CA LYS B 148 -17.92 3.73 26.95
C LYS B 148 -16.42 3.71 27.17
N ILE B 149 -15.88 4.83 27.63
CA ILE B 149 -14.47 4.97 27.94
C ILE B 149 -14.35 5.15 29.46
N ASP B 150 -13.69 4.20 30.12
CA ASP B 150 -13.60 4.21 31.58
C ASP B 150 -14.98 4.36 32.19
N GLY B 151 -15.97 3.74 31.56
CA GLY B 151 -17.33 3.72 32.07
C GLY B 151 -18.19 4.91 31.69
N SER B 152 -17.65 5.93 31.02
CA SER B 152 -18.42 7.08 30.59
C SER B 152 -18.73 6.97 29.10
N GLU B 153 -19.98 7.17 28.72
CA GLU B 153 -20.31 7.09 27.30
C GLU B 153 -19.60 8.19 26.52
N ARG B 154 -19.15 7.86 25.32
CA ARG B 154 -18.54 8.82 24.42
C ARG B 154 -19.43 8.93 23.18
N GLN B 155 -20.00 10.12 22.97
CA GLN B 155 -21.01 10.27 21.92
C GLN B 155 -20.50 10.93 20.64
N ASN B 156 -19.43 11.71 20.70
CA ASN B 156 -18.93 12.41 19.51
C ASN B 156 -17.82 11.59 18.84
N GLY B 157 -17.77 11.66 17.51
CA GLY B 157 -16.74 10.93 16.76
C GLY B 157 -17.07 9.48 16.45
N VAL B 158 -18.35 9.10 16.37
CA VAL B 158 -18.75 7.70 16.17
C VAL B 158 -19.35 7.58 14.77
N LEU B 159 -18.73 6.76 13.92
CA LEU B 159 -19.22 6.53 12.55
C LEU B 159 -19.73 5.10 12.42
N ASN B 160 -20.99 4.95 12.03
CA ASN B 160 -21.62 3.64 11.92
C ASN B 160 -21.98 3.35 10.47
N SER B 161 -21.81 2.10 10.06
CA SER B 161 -22.17 1.67 8.72
C SER B 161 -22.78 0.27 8.81
N TRP B 162 -23.72 -0.05 7.90
CA TRP B 162 -24.48 -1.30 7.93
C TRP B 162 -24.53 -1.94 6.57
N THR B 163 -24.62 -3.27 6.56
CA THR B 163 -24.96 -3.97 5.33
C THR B 163 -26.45 -4.33 5.35
N ASP B 164 -27.00 -4.52 4.15
CA ASP B 164 -28.36 -5.03 4.03
C ASP B 164 -28.38 -6.53 4.26
N GLN B 165 -29.57 -7.13 4.19
CA GLN B 165 -29.74 -8.54 4.54
C GLN B 165 -28.81 -9.44 3.73
N ASP B 166 -28.08 -10.31 4.44
CA ASP B 166 -27.14 -11.22 3.81
C ASP B 166 -27.85 -12.18 2.85
N SER B 167 -27.25 -12.40 1.68
CA SER B 167 -27.88 -13.25 0.67
C SER B 167 -28.02 -14.69 1.14
N LYS B 168 -27.15 -15.13 2.06
CA LYS B 168 -27.17 -16.51 2.50
C LYS B 168 -28.04 -16.71 3.74
N ASP B 169 -27.89 -15.87 4.77
CA ASP B 169 -28.62 -16.11 6.01
C ASP B 169 -29.57 -14.98 6.41
N SER B 170 -29.72 -13.94 5.57
CA SER B 170 -30.72 -12.89 5.76
C SER B 170 -30.49 -12.03 7.00
N THR B 171 -29.29 -12.05 7.58
CA THR B 171 -28.98 -11.24 8.74
C THR B 171 -28.41 -9.88 8.31
N TYR B 172 -28.29 -8.97 9.29
CA TYR B 172 -27.62 -7.70 9.10
C TYR B 172 -26.27 -7.73 9.80
N SER B 173 -25.38 -6.84 9.39
CA SER B 173 -24.13 -6.62 10.09
C SER B 173 -23.88 -5.11 10.18
N MET B 174 -23.09 -4.71 11.17
CA MET B 174 -22.83 -3.30 11.41
C MET B 174 -21.40 -3.10 11.89
N SER B 175 -20.83 -1.96 11.53
CA SER B 175 -19.52 -1.54 11.96
C SER B 175 -19.65 -0.19 12.63
N SER B 176 -18.93 -0.01 13.73
CA SER B 176 -18.92 1.25 14.47
C SER B 176 -17.48 1.62 14.78
N THR B 177 -17.09 2.84 14.41
CA THR B 177 -15.71 3.32 14.58
C THR B 177 -15.74 4.60 15.39
N LEU B 178 -15.07 4.59 16.54
CA LEU B 178 -14.93 5.76 17.39
C LEU B 178 -13.52 6.31 17.21
N THR B 179 -13.40 7.54 16.76
CA THR B 179 -12.09 8.12 16.48
C THR B 179 -11.77 9.22 17.49
N LEU B 180 -10.60 9.09 18.12
CA LEU B 180 -10.06 9.98 19.14
C LEU B 180 -8.69 10.48 18.68
N THR B 181 -8.15 11.45 19.42
CA THR B 181 -6.74 11.71 19.25
C THR B 181 -5.92 10.67 20.00
N LYS B 182 -4.65 10.56 19.62
CA LYS B 182 -3.75 9.64 20.32
C LYS B 182 -3.61 10.04 21.78
N ASP B 183 -3.48 11.34 22.04
CA ASP B 183 -3.32 11.81 23.42
C ASP B 183 -4.53 11.44 24.27
N GLU B 184 -5.72 11.70 23.74
CA GLU B 184 -6.97 11.29 24.39
C GLU B 184 -6.97 9.79 24.67
N TYR B 185 -6.69 8.99 23.64
CA TYR B 185 -6.72 7.54 23.80
C TYR B 185 -5.79 7.10 24.93
N GLU B 186 -4.64 7.74 25.07
CA GLU B 186 -3.66 7.31 26.07
C GLU B 186 -3.98 7.76 27.49
N ARG B 187 -4.94 8.66 27.69
CA ARG B 187 -5.33 9.09 29.03
C ARG B 187 -6.36 8.19 29.68
N HIS B 188 -6.86 7.16 28.99
CA HIS B 188 -7.89 6.29 29.53
C HIS B 188 -7.46 4.83 29.36
N ASN B 189 -8.09 3.94 30.12
CA ASN B 189 -7.69 2.54 30.16
C ASN B 189 -8.72 1.59 29.57
N SER B 190 -10.00 1.76 29.91
CA SER B 190 -11.04 0.80 29.55
C SER B 190 -11.84 1.32 28.35
N TYR B 191 -11.99 0.48 27.32
CA TYR B 191 -12.77 0.81 26.13
C TYR B 191 -13.77 -0.30 25.89
N THR B 192 -15.05 0.06 25.85
CA THR B 192 -16.15 -0.90 25.76
C THR B 192 -17.08 -0.56 24.60
N CYS B 193 -17.45 -1.57 23.82
CA CYS B 193 -18.54 -1.54 22.85
C CYS B 193 -19.75 -2.22 23.50
N GLU B 194 -20.86 -1.51 23.61
CA GLU B 194 -22.09 -2.01 24.25
C GLU B 194 -23.24 -1.98 23.25
N ALA B 195 -23.88 -3.13 23.02
CA ALA B 195 -25.00 -3.21 22.10
C ALA B 195 -26.28 -3.59 22.84
N THR B 196 -27.37 -2.89 22.50
CA THR B 196 -28.70 -3.20 22.99
C THR B 196 -29.47 -3.80 21.83
N HIS B 197 -29.96 -5.04 22.00
CA HIS B 197 -30.64 -5.78 20.96
C HIS B 197 -31.72 -6.61 21.64
N LYS B 198 -32.82 -6.88 20.93
CA LYS B 198 -33.91 -7.59 21.58
C LYS B 198 -33.53 -9.02 21.99
N THR B 199 -32.47 -9.60 21.42
CA THR B 199 -32.07 -10.94 21.80
C THR B 199 -31.42 -11.02 23.17
N SER B 200 -31.19 -9.90 23.84
CA SER B 200 -30.62 -9.94 25.19
C SER B 200 -31.27 -8.89 26.07
N THR B 201 -31.65 -9.30 27.29
CA THR B 201 -32.16 -8.33 28.24
C THR B 201 -31.08 -7.37 28.71
N SER B 202 -29.88 -7.88 28.92
CA SER B 202 -28.77 -7.02 29.27
C SER B 202 -28.02 -6.60 28.02
N PRO B 203 -27.19 -5.55 28.11
CA PRO B 203 -26.38 -5.18 26.96
C PRO B 203 -25.35 -6.24 26.61
N ILE B 204 -25.07 -6.35 25.32
CA ILE B 204 -24.05 -7.25 24.79
C ILE B 204 -22.76 -6.44 24.68
N VAL B 205 -21.72 -6.87 25.39
CA VAL B 205 -20.57 -6.03 25.69
C VAL B 205 -19.29 -6.73 25.27
N LYS B 206 -18.40 -5.99 24.60
CA LYS B 206 -17.00 -6.38 24.44
C LYS B 206 -16.12 -5.22 24.86
N SER B 207 -14.95 -5.54 25.42
CA SER B 207 -14.11 -4.56 26.09
C SER B 207 -12.64 -4.93 25.88
N PHE B 208 -11.78 -3.92 26.02
CA PHE B 208 -10.37 -4.19 26.22
C PHE B 208 -9.80 -3.11 27.12
N ASN B 209 -8.61 -3.37 27.64
CA ASN B 209 -7.88 -2.41 28.48
C ASN B 209 -6.58 -2.06 27.79
N ARG B 210 -6.33 -0.76 27.63
CA ARG B 210 -5.13 -0.34 26.92
C ARG B 210 -3.91 -0.88 27.65
N ASN B 211 -2.99 -1.47 26.88
CA ASN B 211 -1.75 -2.07 27.40
C ASN B 211 -2.02 -3.01 28.58
N GLU B 212 -2.81 -4.05 28.32
CA GLU B 212 -3.12 -5.05 29.34
C GLU B 212 -3.56 -6.38 28.73
N PHE C 2 -47.87 -2.42 -28.76
CA PHE C 2 -47.58 -1.78 -27.44
C PHE C 2 -46.25 -1.06 -27.54
N LYS C 3 -45.26 -1.61 -28.24
CA LYS C 3 -44.01 -0.88 -28.43
C LYS C 3 -44.22 0.38 -29.26
N GLU C 4 -45.00 0.27 -30.35
CA GLU C 4 -45.29 1.41 -31.21
C GLU C 4 -46.01 2.53 -30.45
N GLU C 5 -46.97 2.16 -29.62
CA GLU C 5 -47.65 3.16 -28.79
C GLU C 5 -46.67 3.87 -27.87
N LEU C 6 -45.83 3.12 -27.16
CA LEU C 6 -44.88 3.76 -26.25
C LEU C 6 -43.86 4.61 -27.01
N ASP C 7 -43.42 4.14 -28.19
CA ASP C 7 -42.52 4.95 -29.00
C ASP C 7 -43.15 6.32 -29.32
N LYS C 8 -44.44 6.33 -29.69
CA LYS C 8 -45.10 7.59 -30.00
C LYS C 8 -45.16 8.50 -28.78
N TYR C 9 -45.40 7.91 -27.61
CA TYR C 9 -45.41 8.65 -26.36
C TYR C 9 -44.08 9.37 -26.11
N PHE C 10 -42.96 8.68 -26.29
CA PHE C 10 -41.66 9.34 -26.11
C PHE C 10 -41.37 10.35 -27.22
N LYS C 11 -41.83 10.09 -28.44
CA LYS C 11 -41.64 11.04 -29.53
C LYS C 11 -42.42 12.31 -29.23
N GLU D 1 29.19 -27.34 -2.62
CA GLU D 1 29.59 -25.96 -2.33
C GLU D 1 29.26 -25.60 -0.88
N VAL D 2 30.24 -25.06 -0.15
CA VAL D 2 29.99 -24.62 1.22
C VAL D 2 29.12 -23.37 1.17
N GLN D 3 28.11 -23.32 2.05
CA GLN D 3 27.21 -22.17 2.10
C GLN D 3 26.75 -21.97 3.54
N PHE D 4 26.54 -20.71 3.90
CA PHE D 4 26.08 -20.33 5.22
C PHE D 4 24.86 -19.43 5.05
N GLN D 5 23.73 -19.84 5.60
CA GLN D 5 22.49 -19.09 5.51
C GLN D 5 22.18 -18.51 6.88
N GLN D 6 22.23 -17.19 6.99
CA GLN D 6 22.00 -16.52 8.27
C GLN D 6 20.56 -16.05 8.38
N SER D 7 20.11 -15.87 9.61
CA SER D 7 18.75 -15.42 9.90
C SER D 7 18.58 -13.94 9.50
N GLY D 8 17.32 -13.48 9.48
CA GLY D 8 16.97 -12.21 8.88
C GLY D 8 17.24 -10.99 9.73
N THR D 9 17.00 -9.81 9.12
CA THR D 9 17.19 -8.54 9.81
C THR D 9 16.38 -8.52 11.10
N VAL D 10 16.96 -7.94 12.14
CA VAL D 10 16.35 -7.89 13.46
C VAL D 10 16.44 -6.48 14.02
N LEU D 11 15.35 -6.03 14.65
CA LEU D 11 15.34 -4.83 15.49
C LEU D 11 15.18 -5.29 16.92
N ALA D 12 16.03 -4.78 17.81
CA ALA D 12 15.92 -5.08 19.23
C ALA D 12 15.93 -3.80 20.05
N ARG D 13 15.37 -3.90 21.30
CA ARG D 13 15.29 -2.74 22.18
C ARG D 13 16.52 -2.67 23.09
N PRO D 14 16.94 -1.47 23.45
CA PRO D 14 18.05 -1.32 24.40
C PRO D 14 17.78 -2.17 25.65
N GLY D 15 18.82 -2.87 26.10
CA GLY D 15 18.73 -3.69 27.28
C GLY D 15 18.26 -5.11 27.03
N ALA D 16 17.65 -5.37 25.88
CA ALA D 16 17.19 -6.69 25.54
C ALA D 16 18.36 -7.56 25.09
N SER D 17 18.06 -8.80 24.73
CA SER D 17 19.01 -9.68 24.08
C SER D 17 18.40 -10.20 22.79
N VAL D 18 19.26 -10.74 21.93
CA VAL D 18 18.81 -11.24 20.64
C VAL D 18 19.67 -12.45 20.28
N LYS D 19 19.08 -13.39 19.55
CA LYS D 19 19.81 -14.54 19.07
C LYS D 19 19.78 -14.58 17.54
N MET D 20 20.94 -14.76 16.94
CA MET D 20 21.09 -14.89 15.49
C MET D 20 21.59 -16.30 15.19
N SER D 21 21.23 -16.80 14.01
CA SER D 21 21.56 -18.17 13.64
C SER D 21 22.23 -18.20 12.28
N CYS D 22 22.90 -19.32 11.99
CA CYS D 22 23.67 -19.48 10.77
C CYS D 22 23.65 -20.96 10.42
N LYS D 23 22.96 -21.31 9.35
CA LYS D 23 22.82 -22.71 8.93
C LYS D 23 23.88 -23.03 7.88
N ALA D 24 24.74 -24.00 8.20
CA ALA D 24 25.85 -24.42 7.36
C ALA D 24 25.47 -25.63 6.50
N SER D 25 26.06 -25.71 5.31
CA SER D 25 25.86 -26.86 4.44
C SER D 25 27.10 -27.09 3.60
N GLY D 26 27.23 -28.32 3.11
CA GLY D 26 28.27 -28.66 2.14
C GLY D 26 29.60 -29.08 2.70
N TYR D 27 29.71 -29.36 4.01
CA TYR D 27 30.97 -29.82 4.59
C TYR D 27 30.67 -30.53 5.90
N THR D 28 31.70 -31.18 6.45
CA THR D 28 31.57 -31.89 7.73
C THR D 28 31.55 -30.86 8.85
N PHE D 29 30.34 -30.58 9.36
CA PHE D 29 30.14 -29.48 10.32
C PHE D 29 31.02 -29.64 11.55
N THR D 30 31.25 -30.87 12.00
CA THR D 30 31.94 -31.07 13.26
C THR D 30 33.42 -30.72 13.19
N ASN D 31 33.99 -30.54 12.00
CA ASN D 31 35.44 -30.54 11.82
C ASN D 31 36.06 -29.17 11.65
N TYR D 32 35.30 -28.08 11.69
CA TYR D 32 35.86 -26.76 11.48
C TYR D 32 35.34 -25.80 12.54
N TRP D 33 36.20 -24.90 12.99
CA TRP D 33 35.76 -23.75 13.77
C TRP D 33 34.82 -22.87 12.93
N ILE D 34 33.79 -22.35 13.59
CA ILE D 34 32.85 -21.39 13.01
C ILE D 34 32.81 -20.19 13.94
N HIS D 35 32.82 -18.99 13.36
CA HIS D 35 33.08 -17.75 14.08
C HIS D 35 32.04 -16.69 13.71
N TRP D 36 31.94 -15.67 14.57
CA TRP D 36 31.12 -14.50 14.32
C TRP D 36 32.00 -13.26 14.27
N VAL D 37 31.69 -12.37 13.35
CA VAL D 37 32.48 -11.17 13.08
C VAL D 37 31.53 -9.99 12.90
N LYS D 38 31.88 -8.85 13.49
CA LYS D 38 31.03 -7.68 13.52
C LYS D 38 31.57 -6.63 12.56
N GLN D 39 30.66 -5.93 11.87
CA GLN D 39 31.05 -4.84 10.98
C GLN D 39 30.05 -3.69 11.14
N ARG D 40 30.52 -2.58 11.69
CA ARG D 40 29.65 -1.41 11.75
C ARG D 40 29.67 -0.71 10.39
N PRO D 41 28.54 -0.13 9.97
CA PRO D 41 28.51 0.51 8.64
C PRO D 41 29.54 1.62 8.55
N GLY D 42 30.45 1.49 7.59
CA GLY D 42 31.54 2.43 7.41
C GLY D 42 32.81 2.10 8.16
N GLN D 43 32.89 0.94 8.78
CA GLN D 43 34.04 0.55 9.59
C GLN D 43 34.58 -0.80 9.12
N GLY D 44 35.74 -1.15 9.66
CA GLY D 44 36.33 -2.44 9.40
C GLY D 44 35.64 -3.54 10.20
N LEU D 45 36.26 -4.71 10.18
CA LEU D 45 35.71 -5.92 10.78
C LEU D 45 36.32 -6.16 12.15
N GLU D 46 35.51 -6.69 13.06
CA GLU D 46 35.94 -6.97 14.43
C GLU D 46 35.57 -8.40 14.81
N TYR D 47 36.57 -9.18 15.25
CA TYR D 47 36.34 -10.55 15.68
C TYR D 47 35.56 -10.59 17.00
N ILE D 48 34.55 -11.45 17.06
CA ILE D 48 33.79 -11.63 18.29
C ILE D 48 34.18 -12.93 18.99
N GLY D 49 33.96 -14.07 18.34
CA GLY D 49 34.24 -15.35 18.97
C GLY D 49 33.89 -16.50 18.05
N GLY D 50 34.14 -17.73 18.53
CA GLY D 50 33.86 -18.89 17.71
C GLY D 50 33.70 -20.15 18.52
N THR D 51 33.28 -21.22 17.82
CA THR D 51 33.12 -22.52 18.46
C THR D 51 33.55 -23.63 17.52
N TYR D 52 34.01 -24.73 18.11
CA TYR D 52 34.33 -25.95 17.37
C TYR D 52 33.23 -26.99 17.63
N PRO D 53 32.31 -27.21 16.69
CA PRO D 53 31.13 -28.04 17.00
C PRO D 53 31.46 -29.48 17.37
N GLY D 54 32.64 -29.97 17.00
CA GLY D 54 32.99 -31.36 17.27
C GLY D 54 33.22 -31.67 18.74
N ASN D 55 33.55 -30.66 19.55
CA ASN D 55 33.62 -30.92 20.99
C ASN D 55 33.08 -29.79 21.86
N GLY D 56 32.53 -28.73 21.26
CA GLY D 56 31.96 -27.66 22.03
C GLY D 56 32.94 -26.60 22.50
N ASP D 57 34.24 -26.76 22.22
CA ASP D 57 35.20 -25.72 22.58
C ASP D 57 34.73 -24.38 22.03
N THR D 58 34.77 -23.35 22.87
CA THR D 58 34.36 -22.03 22.40
C THR D 58 35.29 -20.98 23.00
N THR D 59 35.68 -20.01 22.19
CA THR D 59 36.62 -18.97 22.63
C THR D 59 36.18 -17.62 22.09
N TYR D 60 36.61 -16.56 22.78
CA TYR D 60 36.07 -15.22 22.57
C TYR D 60 37.16 -14.16 22.60
N ASN D 61 36.98 -13.15 21.76
CA ASN D 61 37.54 -11.83 22.02
C ASN D 61 37.16 -11.39 23.42
N GLN D 62 38.16 -11.18 24.27
CA GLN D 62 37.92 -10.79 25.67
C GLN D 62 36.96 -9.60 25.78
N LYS D 63 37.00 -8.70 24.81
CA LYS D 63 36.10 -7.55 24.85
C LYS D 63 34.62 -7.95 24.79
N PHE D 64 34.31 -9.14 24.29
CA PHE D 64 32.93 -9.60 24.14
C PHE D 64 32.54 -10.69 25.12
N LYS D 65 33.44 -11.10 26.02
CA LYS D 65 33.08 -12.08 27.03
C LYS D 65 31.95 -11.56 27.90
N GLY D 66 30.92 -12.39 28.10
CA GLY D 66 29.79 -11.96 28.92
C GLY D 66 28.82 -11.05 28.21
N LYS D 67 29.10 -10.68 26.96
CA LYS D 67 28.16 -9.99 26.09
C LYS D 67 27.68 -10.87 24.95
N ALA D 68 28.57 -11.66 24.37
CA ALA D 68 28.25 -12.58 23.29
C ALA D 68 28.37 -14.01 23.80
N LYS D 69 27.48 -14.87 23.32
CA LYS D 69 27.52 -16.30 23.61
C LYS D 69 27.38 -17.04 22.30
N VAL D 70 28.34 -17.91 22.00
CA VAL D 70 28.34 -18.66 20.75
C VAL D 70 28.10 -20.13 21.07
N THR D 71 27.17 -20.76 20.34
CA THR D 71 26.89 -22.19 20.48
C THR D 71 26.65 -22.78 19.08
N ALA D 72 26.78 -24.10 18.99
CA ALA D 72 26.50 -24.79 17.74
C ALA D 72 25.67 -26.02 18.04
N VAL D 73 24.85 -26.41 17.07
CA VAL D 73 23.99 -27.58 17.18
C VAL D 73 24.37 -28.50 16.01
N THR D 74 24.98 -29.63 16.33
CA THR D 74 25.52 -30.49 15.27
C THR D 74 24.42 -31.18 14.48
N PRO D 75 23.37 -31.76 15.10
CA PRO D 75 22.35 -32.47 14.29
C PRO D 75 21.66 -31.60 13.25
N THR D 76 21.56 -30.29 13.45
CA THR D 76 20.97 -29.38 12.48
C THR D 76 22.01 -28.50 11.78
N SER D 77 23.30 -28.73 12.01
CA SER D 77 24.37 -27.96 11.36
C SER D 77 24.15 -26.45 11.50
N THR D 78 23.78 -25.99 12.69
CA THR D 78 23.50 -24.56 12.85
C THR D 78 24.28 -23.96 14.01
N ALA D 79 24.87 -22.79 13.76
CA ALA D 79 25.56 -22.00 14.77
C ALA D 79 24.69 -20.82 15.19
N TYR D 80 24.81 -20.43 16.45
CA TYR D 80 24.04 -19.35 17.03
C TYR D 80 24.97 -18.37 17.71
N MET D 81 24.55 -17.10 17.76
CA MET D 81 25.20 -16.15 18.64
C MET D 81 24.13 -15.36 19.38
N ASP D 82 24.23 -15.35 20.70
CA ASP D 82 23.35 -14.60 21.59
C ASP D 82 24.08 -13.34 22.02
N LEU D 83 23.45 -12.18 21.83
CA LEU D 83 23.98 -10.90 22.30
C LEU D 83 23.05 -10.35 23.38
N SER D 84 23.63 -9.91 24.49
CA SER D 84 22.84 -9.49 25.63
C SER D 84 23.15 -8.03 25.98
N SER D 85 22.37 -7.50 26.91
CA SER D 85 22.47 -6.11 27.35
C SER D 85 22.70 -5.16 26.18
N LEU D 86 21.79 -5.22 25.21
CA LEU D 86 22.03 -4.53 23.95
C LEU D 86 22.00 -3.02 24.14
N THR D 87 22.91 -2.34 23.44
CA THR D 87 22.97 -0.89 23.33
C THR D 87 23.10 -0.52 21.85
N ASN D 88 23.01 0.78 21.57
CA ASN D 88 23.09 1.27 20.20
CA ASN D 88 23.07 1.22 20.18
C ASN D 88 24.43 0.92 19.55
N GLU D 89 25.49 0.80 20.36
CA GLU D 89 26.79 0.41 19.85
C GLU D 89 26.81 -1.02 19.32
N ASP D 90 25.75 -1.79 19.60
CA ASP D 90 25.65 -3.13 19.04
C ASP D 90 25.02 -3.13 17.65
N SER D 91 24.48 -2.00 17.18
CA SER D 91 23.95 -1.93 15.83
C SER D 91 25.06 -2.18 14.82
N ALA D 92 24.88 -3.17 13.95
CA ALA D 92 25.92 -3.53 13.01
C ALA D 92 25.44 -4.70 12.16
N VAL D 93 26.25 -5.05 11.17
CA VAL D 93 26.11 -6.29 10.44
C VAL D 93 26.97 -7.35 11.10
N TYR D 94 26.41 -8.54 11.31
CA TYR D 94 27.15 -9.66 11.90
C TYR D 94 27.26 -10.79 10.89
N TYR D 95 28.46 -11.36 10.77
CA TYR D 95 28.74 -12.47 9.87
C TYR D 95 29.09 -13.72 10.66
N CYS D 96 28.56 -14.87 10.24
CA CYS D 96 29.20 -16.13 10.64
C CYS D 96 30.18 -16.51 9.55
N THR D 97 31.29 -17.11 9.94
CA THR D 97 32.33 -17.43 8.98
C THR D 97 33.14 -18.60 9.51
N ARG D 98 33.49 -19.52 8.60
CA ARG D 98 34.28 -20.69 8.92
C ARG D 98 35.75 -20.37 8.74
N THR D 99 36.62 -21.02 9.54
CA THR D 99 38.04 -21.06 9.25
C THR D 99 38.48 -22.47 8.92
N GLY D 100 39.34 -22.59 7.91
CA GLY D 100 40.24 -23.70 7.72
C GLY D 100 41.64 -23.27 8.13
N SER D 101 42.43 -22.77 7.18
CA SER D 101 43.63 -22.03 7.52
C SER D 101 43.44 -20.52 7.35
N TYR D 102 42.21 -20.08 7.08
CA TYR D 102 41.82 -18.67 7.02
C TYR D 102 40.31 -18.61 7.02
N PHE D 103 39.75 -17.39 7.06
CA PHE D 103 38.29 -17.24 7.05
C PHE D 103 37.78 -17.52 5.63
N ASP D 104 37.57 -18.82 5.32
CA ASP D 104 37.42 -19.19 3.92
C ASP D 104 35.99 -19.13 3.39
N TYR D 105 34.96 -19.21 4.24
CA TYR D 105 33.58 -19.07 3.77
C TYR D 105 32.79 -18.20 4.74
N TRP D 106 31.92 -17.36 4.20
CA TRP D 106 31.24 -16.32 4.97
C TRP D 106 29.75 -16.40 4.70
N GLY D 107 28.95 -16.18 5.73
CA GLY D 107 27.53 -16.01 5.55
C GLY D 107 27.25 -14.67 4.90
N GLN D 108 25.97 -14.44 4.59
CA GLN D 108 25.59 -13.21 3.91
C GLN D 108 25.45 -12.00 4.85
N GLY D 109 25.48 -12.22 6.16
CA GLY D 109 25.35 -11.14 7.12
C GLY D 109 23.95 -11.05 7.70
N THR D 110 23.88 -10.61 8.95
CA THR D 110 22.63 -10.28 9.62
C THR D 110 22.72 -8.87 10.15
N THR D 111 21.78 -8.01 9.77
CA THR D 111 21.77 -6.64 10.25
C THR D 111 20.96 -6.53 11.55
N LEU D 112 21.58 -5.97 12.58
CA LEU D 112 20.94 -5.71 13.85
C LEU D 112 20.82 -4.21 14.06
N THR D 113 19.61 -3.75 14.38
CA THR D 113 19.37 -2.39 14.82
C THR D 113 18.92 -2.44 16.28
N VAL D 114 19.60 -1.69 17.14
CA VAL D 114 19.20 -1.52 18.54
C VAL D 114 18.69 -0.10 18.71
N SER D 115 17.41 0.03 19.09
CA SER D 115 16.77 1.33 19.17
C SER D 115 15.44 1.20 19.91
N SER D 116 15.00 2.30 20.51
CA SER D 116 13.68 2.36 21.11
C SER D 116 12.66 3.10 20.25
N ALA D 117 13.04 3.52 19.06
CA ALA D 117 12.13 4.22 18.16
C ALA D 117 10.97 3.30 17.74
N SER D 118 9.83 3.92 17.44
CA SER D 118 8.63 3.17 17.13
C SER D 118 8.64 2.75 15.66
N THR D 119 8.21 1.51 15.42
CA THR D 119 8.00 1.04 14.07
C THR D 119 6.97 1.92 13.38
N THR D 120 7.30 2.40 12.18
CA THR D 120 6.51 3.38 11.44
C THR D 120 6.53 3.01 9.96
N ALA D 121 5.35 2.87 9.35
CA ALA D 121 5.29 2.58 7.93
C ALA D 121 5.63 3.83 7.10
N PRO D 122 6.17 3.66 5.90
CA PRO D 122 6.53 4.82 5.09
C PRO D 122 5.33 5.42 4.39
N SER D 123 5.42 6.72 4.10
CA SER D 123 4.55 7.35 3.10
C SER D 123 5.28 7.32 1.77
N VAL D 124 4.54 7.07 0.69
CA VAL D 124 5.13 6.90 -0.62
C VAL D 124 4.60 7.98 -1.54
N TYR D 125 5.50 8.83 -2.06
CA TYR D 125 5.10 9.99 -2.82
C TYR D 125 5.62 9.91 -4.26
N PRO D 126 4.74 10.07 -5.26
CA PRO D 126 5.19 10.04 -6.65
C PRO D 126 5.83 11.37 -7.05
N LEU D 127 6.96 11.28 -7.71
CA LEU D 127 7.66 12.46 -8.23
C LEU D 127 7.50 12.46 -9.75
N ALA D 128 6.59 13.28 -10.24
CA ALA D 128 6.40 13.46 -11.67
C ALA D 128 6.96 14.81 -12.11
N PRO D 129 7.39 14.93 -13.37
CA PRO D 129 8.04 16.17 -13.78
C PRO D 129 7.09 17.36 -13.72
N VAL D 130 7.69 18.55 -13.64
CA VAL D 130 6.93 19.79 -13.62
C VAL D 130 6.11 19.91 -14.88
N CYS D 131 4.83 20.25 -14.72
CA CYS D 131 3.97 20.49 -15.88
C CYS D 131 4.39 21.77 -16.61
N THR D 135 10.18 19.23 -22.59
CA THR D 135 10.65 17.85 -22.55
C THR D 135 11.61 17.56 -23.71
N GLY D 136 12.71 16.88 -23.40
CA GLY D 136 13.65 16.47 -24.42
C GLY D 136 13.41 15.04 -24.89
N SER D 137 14.48 14.26 -25.02
CA SER D 137 14.36 12.87 -25.48
C SER D 137 14.22 11.86 -24.34
N SER D 138 14.52 12.25 -23.11
CA SER D 138 14.31 11.38 -21.97
C SER D 138 13.57 12.15 -20.90
N VAL D 139 13.00 11.41 -19.96
CA VAL D 139 12.26 12.01 -18.86
C VAL D 139 12.59 11.21 -17.60
N THR D 140 12.82 11.92 -16.50
CA THR D 140 13.14 11.30 -15.22
C THR D 140 11.95 11.35 -14.29
N LEU D 141 11.63 10.21 -13.67
CA LEU D 141 10.57 10.12 -12.69
C LEU D 141 11.16 9.71 -11.35
N GLY D 142 10.37 9.82 -10.29
CA GLY D 142 10.90 9.51 -8.99
C GLY D 142 9.86 8.98 -8.03
N CYS D 143 10.36 8.52 -6.89
CA CYS D 143 9.52 7.96 -5.83
C CYS D 143 10.20 8.37 -4.53
N LEU D 144 9.48 9.08 -3.66
CA LEU D 144 10.01 9.54 -2.38
C LEU D 144 9.37 8.69 -1.28
N VAL D 145 10.19 8.01 -0.49
CA VAL D 145 9.73 7.09 0.54
C VAL D 145 10.14 7.71 1.87
N LYS D 146 9.18 8.30 2.58
CA LYS D 146 9.50 9.25 3.64
C LYS D 146 8.98 8.77 4.99
N GLY D 147 9.84 8.84 6.01
CA GLY D 147 9.42 8.70 7.38
C GLY D 147 9.10 7.28 7.80
N TYR D 148 10.02 6.33 7.62
CA TYR D 148 9.77 4.97 8.07
C TYR D 148 10.83 4.51 9.08
N PHE D 149 10.52 3.41 9.78
CA PHE D 149 11.45 2.79 10.72
C PHE D 149 10.96 1.39 11.09
N PRO D 150 11.85 0.39 11.24
CA PRO D 150 13.29 0.44 10.97
C PRO D 150 13.59 0.20 9.49
N GLU D 151 14.87 0.13 9.13
CA GLU D 151 15.27 -0.35 7.82
C GLU D 151 15.06 -1.86 7.76
N PRO D 152 14.92 -2.44 6.54
CA PRO D 152 14.93 -1.79 5.23
C PRO D 152 13.56 -1.64 4.61
N VAL D 153 13.48 -0.83 3.55
CA VAL D 153 12.44 -0.95 2.54
C VAL D 153 13.08 -1.52 1.28
N THR D 154 12.29 -2.26 0.53
CA THR D 154 12.66 -2.62 -0.84
C THR D 154 11.86 -1.75 -1.77
N LEU D 155 12.49 -1.32 -2.87
CA LEU D 155 11.86 -0.47 -3.86
C LEU D 155 12.21 -1.02 -5.24
N THR D 156 11.19 -1.26 -6.06
CA THR D 156 11.40 -1.64 -7.45
C THR D 156 10.45 -0.81 -8.30
N TRP D 157 10.65 -0.89 -9.62
CA TRP D 157 9.81 -0.19 -10.57
C TRP D 157 9.15 -1.22 -11.49
N ASN D 158 7.83 -1.11 -11.66
CA ASN D 158 7.07 -2.08 -12.47
C ASN D 158 7.39 -3.51 -12.06
N SER D 159 7.46 -3.74 -10.75
CA SER D 159 7.63 -5.09 -10.18
C SER D 159 8.98 -5.70 -10.56
N GLY D 160 9.98 -4.87 -10.82
CA GLY D 160 11.28 -5.34 -11.22
C GLY D 160 11.51 -5.34 -12.71
N SER D 161 10.45 -5.15 -13.50
CA SER D 161 10.56 -5.20 -14.95
C SER D 161 11.37 -4.04 -15.50
N LEU D 162 11.31 -2.90 -14.83
CA LEU D 162 12.05 -1.70 -15.21
C LEU D 162 13.27 -1.63 -14.31
N SER D 163 14.43 -2.00 -14.85
CA SER D 163 15.67 -2.10 -14.09
C SER D 163 16.72 -1.09 -14.51
N SER D 164 16.79 -0.79 -15.80
CA SER D 164 17.83 0.08 -16.31
C SER D 164 17.40 1.53 -16.16
N GLY D 165 18.40 2.40 -15.99
CA GLY D 165 18.10 3.80 -15.72
C GLY D 165 17.59 4.09 -14.33
N VAL D 166 17.74 3.16 -13.38
CA VAL D 166 17.25 3.33 -12.02
C VAL D 166 18.39 3.70 -11.09
N HIS D 167 18.16 4.66 -10.20
CA HIS D 167 19.09 4.98 -9.13
C HIS D 167 18.29 4.98 -7.84
N THR D 168 18.70 4.15 -6.89
CA THR D 168 18.04 4.13 -5.60
C THR D 168 19.04 4.60 -4.55
N PHE D 169 18.64 5.58 -3.78
CA PHE D 169 19.59 6.25 -2.90
C PHE D 169 19.51 5.67 -1.50
N PRO D 170 20.65 5.50 -0.86
CA PRO D 170 20.66 5.01 0.52
C PRO D 170 19.75 5.83 1.43
N ALA D 171 19.08 5.14 2.36
CA ALA D 171 18.24 5.83 3.33
C ALA D 171 19.10 6.72 4.22
N VAL D 172 18.53 7.87 4.61
CA VAL D 172 19.15 8.77 5.58
C VAL D 172 18.22 8.88 6.78
N LEU D 173 18.80 8.85 7.97
CA LEU D 173 18.07 8.86 9.22
C LEU D 173 18.05 10.27 9.80
N GLN D 174 16.85 10.74 10.17
CA GLN D 174 16.72 12.00 10.89
C GLN D 174 15.58 11.91 11.89
N SER D 175 15.89 12.19 13.16
CA SER D 175 14.90 12.20 14.24
C SER D 175 14.01 10.96 14.22
N ASP D 176 14.67 9.80 14.35
CA ASP D 176 14.06 8.49 14.50
C ASP D 176 13.31 8.00 13.26
N LEU D 177 13.44 8.66 12.11
CA LEU D 177 12.77 8.18 10.90
C LEU D 177 13.68 8.27 9.69
N TYR D 178 13.62 7.24 8.85
CA TYR D 178 14.37 7.15 7.61
C TYR D 178 13.63 7.75 6.42
N THR D 179 14.40 8.23 5.45
CA THR D 179 13.87 8.69 4.17
C THR D 179 14.75 8.15 3.05
N LEU D 180 14.14 7.63 1.99
CA LEU D 180 14.91 7.31 0.79
C LEU D 180 14.12 7.74 -0.43
N SER D 181 14.82 7.77 -1.56
CA SER D 181 14.21 8.12 -2.84
C SER D 181 14.82 7.24 -3.92
N SER D 182 14.20 7.27 -5.10
CA SER D 182 14.67 6.51 -6.23
C SER D 182 14.26 7.27 -7.49
N SER D 183 15.13 7.31 -8.48
CA SER D 183 14.77 7.93 -9.75
C SER D 183 14.85 6.88 -10.85
N VAL D 184 14.06 7.08 -11.90
CA VAL D 184 14.10 6.22 -13.08
C VAL D 184 14.02 7.13 -14.29
N THR D 185 14.89 6.88 -15.26
CA THR D 185 14.94 7.65 -16.50
C THR D 185 14.62 6.73 -17.67
N VAL D 186 13.66 7.16 -18.49
CA VAL D 186 13.20 6.40 -19.64
C VAL D 186 13.07 7.36 -20.82
N THR D 187 12.94 6.79 -22.01
CA THR D 187 12.75 7.62 -23.19
C THR D 187 11.40 8.34 -23.10
N SER D 188 11.37 9.59 -23.57
CA SER D 188 10.17 10.41 -23.44
C SER D 188 8.96 9.76 -24.09
N SER D 189 9.16 9.04 -25.18
CA SER D 189 8.02 8.42 -25.85
C SER D 189 7.51 7.19 -25.12
N THR D 190 8.11 6.77 -24.01
CA THR D 190 7.57 5.63 -23.29
C THR D 190 6.72 6.02 -22.09
N TRP D 191 6.84 7.25 -21.60
CA TRP D 191 6.01 7.72 -20.50
C TRP D 191 5.51 9.13 -20.85
N PRO D 192 4.22 9.42 -20.64
CA PRO D 192 3.26 8.57 -19.93
C PRO D 192 2.42 7.62 -20.80
N SER D 193 2.78 7.41 -22.06
CA SER D 193 2.01 6.46 -22.85
C SER D 193 2.06 5.05 -22.25
N GLN D 194 3.13 4.70 -21.55
CA GLN D 194 3.17 3.43 -20.86
C GLN D 194 3.23 3.66 -19.34
N SER D 195 2.68 2.70 -18.61
CA SER D 195 2.53 2.79 -17.15
C SER D 195 3.87 2.64 -16.43
N ILE D 196 4.15 3.51 -15.45
CA ILE D 196 5.30 3.34 -14.58
C ILE D 196 4.83 3.47 -13.13
N THR D 197 5.22 2.50 -12.30
CA THR D 197 4.74 2.37 -10.91
C THR D 197 5.93 2.02 -10.03
N CYS D 198 6.12 2.73 -8.91
CA CYS D 198 7.11 2.26 -7.96
C CYS D 198 6.43 1.36 -6.93
N ASN D 199 7.09 0.25 -6.60
CA ASN D 199 6.59 -0.73 -5.63
C ASN D 199 7.47 -0.68 -4.39
N VAL D 200 6.87 -0.34 -3.25
CA VAL D 200 7.59 -0.21 -2.00
C VAL D 200 7.09 -1.28 -1.04
N ALA D 201 8.01 -1.96 -0.37
CA ALA D 201 7.68 -2.94 0.64
C ALA D 201 8.43 -2.58 1.92
N HIS D 202 7.74 -2.66 3.06
CA HIS D 202 8.31 -2.40 4.38
C HIS D 202 7.88 -3.55 5.28
N PRO D 203 8.65 -4.63 5.30
CA PRO D 203 8.19 -5.83 6.01
C PRO D 203 8.02 -5.63 7.51
N ALA D 204 8.78 -4.72 8.13
CA ALA D 204 8.65 -4.53 9.57
C ALA D 204 7.26 -3.99 9.95
N SER D 205 6.66 -3.16 9.11
CA SER D 205 5.29 -2.73 9.33
C SER D 205 4.27 -3.55 8.54
N SER D 206 4.69 -4.66 7.92
CA SER D 206 3.78 -5.51 7.15
C SER D 206 3.08 -4.74 6.04
N THR D 207 3.82 -3.87 5.35
CA THR D 207 3.24 -2.93 4.40
C THR D 207 3.84 -3.14 3.02
N LYS D 208 2.98 -3.15 1.99
CA LYS D 208 3.37 -2.94 0.60
C LYS D 208 2.50 -1.85 0.00
N VAL D 209 3.12 -0.95 -0.76
CA VAL D 209 2.45 0.17 -1.41
C VAL D 209 2.93 0.20 -2.87
N ASP D 210 1.97 0.29 -3.82
CA ASP D 210 2.24 0.60 -5.23
C ASP D 210 1.73 1.99 -5.56
N LYS D 211 2.60 2.83 -6.13
CA LYS D 211 2.23 4.19 -6.53
C LYS D 211 2.48 4.34 -8.04
N LYS D 212 1.41 4.44 -8.83
CA LYS D 212 1.60 4.72 -10.24
C LYS D 212 1.93 6.20 -10.42
N ILE D 213 2.94 6.49 -11.24
CA ILE D 213 3.34 7.88 -11.47
C ILE D 213 2.46 8.48 -12.56
N GLU D 214 1.68 9.49 -12.20
CA GLU D 214 0.81 10.14 -13.19
C GLU D 214 1.29 11.55 -13.49
N PRO D 215 1.15 12.02 -14.73
CA PRO D 215 1.53 13.40 -15.03
C PRO D 215 0.69 14.38 -14.23
N ARG D 216 1.29 15.51 -13.85
CA ARG D 216 0.63 16.50 -12.99
C ARG D 216 -0.42 17.28 -13.77
N GLN E 1 47.94 -7.88 20.59
CA GLN E 1 47.93 -6.44 20.70
C GLN E 1 48.49 -5.80 19.43
N ILE E 2 48.36 -6.51 18.29
CA ILE E 2 48.87 -6.03 17.02
C ILE E 2 47.78 -5.25 16.31
N VAL E 3 48.16 -4.11 15.73
CA VAL E 3 47.24 -3.23 15.03
C VAL E 3 47.72 -3.08 13.59
N LEU E 4 46.80 -3.24 12.65
CA LEU E 4 47.09 -3.16 11.22
C LEU E 4 46.58 -1.84 10.68
N THR E 5 47.43 -1.13 9.92
CA THR E 5 47.08 0.12 9.30
C THR E 5 47.25 -0.02 7.80
N GLN E 6 46.21 0.37 7.05
CA GLN E 6 46.18 0.23 5.61
C GLN E 6 46.31 1.61 4.96
N SER E 7 47.03 1.67 3.84
CA SER E 7 47.13 2.88 3.03
C SER E 7 47.18 2.49 1.56
N PRO E 8 46.65 3.33 0.67
CA PRO E 8 45.87 4.50 1.08
C PRO E 8 44.52 4.09 1.63
N ALA E 9 43.78 5.04 2.21
CA ALA E 9 42.41 4.74 2.63
C ALA E 9 41.46 4.68 1.44
N ILE E 10 41.62 5.59 0.48
CA ILE E 10 40.84 5.60 -0.75
C ILE E 10 41.78 5.90 -1.92
N MET E 11 41.51 5.28 -3.07
CA MET E 11 42.24 5.60 -4.28
C MET E 11 41.44 5.19 -5.51
N SER E 12 41.75 5.84 -6.63
CA SER E 12 41.15 5.56 -7.93
C SER E 12 42.22 5.06 -8.89
N ALA E 13 41.84 4.13 -9.77
CA ALA E 13 42.77 3.61 -10.76
C ALA E 13 42.06 3.48 -12.09
N SER E 14 42.74 3.90 -13.17
CA SER E 14 42.18 3.68 -14.49
C SER E 14 42.31 2.22 -14.89
N PRO E 15 41.39 1.71 -15.72
CA PRO E 15 41.59 0.37 -16.28
C PRO E 15 42.96 0.24 -16.93
N GLY E 16 43.62 -0.89 -16.69
CA GLY E 16 44.96 -1.13 -17.18
C GLY E 16 46.08 -0.65 -16.28
N GLU E 17 45.78 0.21 -15.32
CA GLU E 17 46.79 0.76 -14.43
C GLU E 17 47.27 -0.30 -13.45
N LYS E 18 48.56 -0.29 -13.14
CA LYS E 18 49.06 -1.10 -12.04
C LYS E 18 48.64 -0.46 -10.72
N VAL E 19 48.33 -1.30 -9.74
CA VAL E 19 47.81 -0.83 -8.46
C VAL E 19 48.51 -1.58 -7.34
N THR E 20 48.90 -0.85 -6.29
CA THR E 20 49.50 -1.45 -5.10
C THR E 20 48.89 -0.80 -3.87
N ILE E 21 48.43 -1.63 -2.93
CA ILE E 21 47.92 -1.17 -1.65
C ILE E 21 48.73 -1.86 -0.55
N SER E 22 48.77 -1.24 0.62
CA SER E 22 49.73 -1.64 1.63
C SER E 22 49.07 -1.79 3.00
N CYS E 23 49.69 -2.64 3.82
CA CYS E 23 49.30 -2.91 5.20
C CYS E 23 50.56 -2.78 6.07
N SER E 24 50.44 -2.08 7.18
CA SER E 24 51.54 -1.94 8.13
C SER E 24 51.10 -2.44 9.50
N ALA E 25 51.92 -3.28 10.10
CA ALA E 25 51.67 -3.84 11.42
C ALA E 25 52.56 -3.19 12.47
N THR E 26 52.03 -3.02 13.67
CA THR E 26 52.80 -2.39 14.75
C THR E 26 53.89 -3.30 15.29
N SER E 27 53.75 -4.62 15.12
CA SER E 27 54.79 -5.58 15.43
C SER E 27 54.90 -6.57 14.27
N SER E 28 56.02 -7.28 14.22
CA SER E 28 56.22 -8.26 13.16
C SER E 28 55.14 -9.35 13.20
N VAL E 29 54.68 -9.76 12.01
CA VAL E 29 53.75 -10.88 11.85
C VAL E 29 54.30 -11.86 10.82
N SER E 30 54.06 -13.15 11.05
CA SER E 30 54.58 -14.20 10.16
C SER E 30 53.89 -14.20 8.80
N TYR E 31 52.57 -13.97 8.76
CA TYR E 31 51.85 -13.92 7.50
C TYR E 31 50.76 -12.87 7.58
N ILE E 32 50.32 -12.44 6.41
CA ILE E 32 49.20 -11.52 6.27
C ILE E 32 48.17 -12.20 5.39
N TYR E 33 46.90 -11.79 5.57
CA TYR E 33 45.78 -12.30 4.79
C TYR E 33 45.00 -11.10 4.26
N TRP E 34 44.45 -11.25 3.06
CA TRP E 34 43.67 -10.20 2.41
C TRP E 34 42.28 -10.73 2.09
N TYR E 35 41.28 -9.87 2.28
CA TYR E 35 39.89 -10.17 1.96
C TYR E 35 39.33 -9.04 1.10
N GLN E 36 38.47 -9.39 0.16
CA GLN E 36 37.80 -8.40 -0.69
C GLN E 36 36.33 -8.33 -0.33
N GLN E 37 35.80 -7.11 -0.23
CA GLN E 37 34.38 -6.93 0.05
C GLN E 37 33.76 -5.96 -0.95
N ARG E 38 32.64 -6.38 -1.57
CA ARG E 38 31.95 -5.48 -2.47
C ARG E 38 30.71 -4.92 -1.80
N PRO E 39 30.26 -3.73 -2.23
CA PRO E 39 29.09 -3.11 -1.59
C PRO E 39 27.92 -4.08 -1.42
N GLY E 40 27.45 -4.26 -0.19
CA GLY E 40 26.28 -5.07 0.06
C GLY E 40 26.52 -6.57 0.13
N SER E 41 27.78 -7.01 0.12
CA SER E 41 28.14 -8.41 0.18
C SER E 41 29.08 -8.64 1.36
N SER E 42 29.25 -9.91 1.72
CA SER E 42 30.22 -10.28 2.75
C SER E 42 31.64 -10.28 2.20
N PRO E 43 32.63 -10.16 3.07
CA PRO E 43 34.02 -10.32 2.61
C PRO E 43 34.24 -11.69 2.01
N LYS E 44 35.22 -11.79 1.11
CA LYS E 44 35.63 -13.07 0.58
C LYS E 44 37.15 -13.19 0.69
N PRO E 45 37.65 -14.37 1.02
CA PRO E 45 39.11 -14.55 1.08
C PRO E 45 39.71 -14.25 -0.28
N TRP E 46 40.82 -13.53 -0.28
CA TRP E 46 41.47 -13.14 -1.53
C TRP E 46 42.91 -13.62 -1.60
N ILE E 47 43.68 -13.44 -0.54
CA ILE E 47 45.07 -13.89 -0.51
C ILE E 47 45.34 -14.43 0.89
N TYR E 48 45.96 -15.60 0.98
CA TYR E 48 46.25 -16.17 2.28
C TYR E 48 47.74 -16.49 2.41
N ARG E 49 48.23 -16.37 3.63
CA ARG E 49 49.65 -16.53 3.95
C ARG E 49 50.52 -15.73 2.97
N THR E 50 50.12 -14.47 2.76
CA THR E 50 50.93 -13.41 2.15
C THR E 50 50.86 -13.39 0.62
N SER E 51 50.95 -14.55 -0.03
CA SER E 51 51.09 -14.56 -1.48
C SER E 51 50.30 -15.65 -2.18
N ASN E 52 49.56 -16.51 -1.48
CA ASN E 52 48.78 -17.55 -2.15
C ASN E 52 47.39 -17.02 -2.48
N LEU E 53 46.96 -17.21 -3.73
CA LEU E 53 45.68 -16.68 -4.17
C LEU E 53 44.55 -17.61 -3.75
N ALA E 54 43.52 -17.06 -3.11
CA ALA E 54 42.35 -17.85 -2.77
C ALA E 54 41.63 -18.32 -4.04
N SER E 55 40.65 -19.21 -3.85
CA SER E 55 40.01 -19.86 -4.98
C SER E 55 39.21 -18.85 -5.80
N GLY E 56 39.38 -18.91 -7.13
CA GLY E 56 38.69 -18.03 -8.04
C GLY E 56 39.32 -16.67 -8.25
N VAL E 57 40.44 -16.38 -7.61
CA VAL E 57 41.05 -15.05 -7.69
C VAL E 57 41.89 -14.98 -8.96
N PRO E 58 41.71 -13.95 -9.79
CA PRO E 58 42.45 -13.88 -11.07
C PRO E 58 43.94 -13.68 -10.85
N VAL E 59 44.71 -14.19 -11.81
CA VAL E 59 46.16 -14.23 -11.69
C VAL E 59 46.80 -12.84 -11.69
N ARG E 60 46.07 -11.79 -12.06
CA ARG E 60 46.64 -10.45 -12.00
C ARG E 60 46.87 -9.97 -10.57
N PHE E 61 46.32 -10.64 -9.57
CA PHE E 61 46.58 -10.31 -8.18
C PHE E 61 47.83 -11.03 -7.69
N SER E 62 48.63 -10.31 -6.89
CA SER E 62 49.75 -10.90 -6.18
C SER E 62 49.88 -10.22 -4.82
N GLY E 63 50.61 -10.87 -3.93
CA GLY E 63 50.84 -10.32 -2.61
C GLY E 63 52.25 -10.62 -2.16
N SER E 64 52.80 -9.73 -1.36
CA SER E 64 54.17 -9.89 -0.90
C SER E 64 54.39 -9.05 0.34
N GLY E 65 55.52 -9.29 1.01
CA GLY E 65 55.84 -8.55 2.20
C GLY E 65 56.43 -9.46 3.26
N SER E 66 56.69 -8.91 4.44
CA SER E 66 57.24 -9.66 5.55
C SER E 66 57.41 -8.69 6.72
N GLY E 67 57.65 -9.24 7.90
CA GLY E 67 57.86 -8.41 9.06
C GLY E 67 56.67 -7.52 9.35
N THR E 68 56.83 -6.20 9.19
CA THR E 68 55.78 -5.25 9.50
C THR E 68 55.14 -4.62 8.28
N SER E 69 55.51 -5.02 7.06
CA SER E 69 54.99 -4.38 5.86
C SER E 69 54.58 -5.42 4.83
N TYR E 70 53.35 -5.30 4.34
CA TYR E 70 52.82 -6.20 3.31
C TYR E 70 52.06 -5.39 2.28
N SER E 71 51.91 -5.95 1.08
CA SER E 71 51.23 -5.22 0.04
C SER E 71 50.51 -6.18 -0.91
N LEU E 72 49.39 -5.71 -1.46
CA LEU E 72 48.63 -6.40 -2.48
C LEU E 72 48.75 -5.62 -3.80
N THR E 73 48.95 -6.33 -4.90
CA THR E 73 49.21 -5.67 -6.18
C THR E 73 48.32 -6.26 -7.27
N ILE E 74 47.77 -5.37 -8.10
CA ILE E 74 46.98 -5.75 -9.26
C ILE E 74 47.79 -5.33 -10.48
N SER E 75 48.27 -6.31 -11.25
CA SER E 75 49.13 -6.01 -12.39
C SER E 75 48.47 -5.03 -13.36
N ASN E 76 47.22 -5.28 -13.75
CA ASN E 76 46.45 -4.32 -14.54
C ASN E 76 45.06 -4.21 -13.93
N MET E 77 44.65 -2.99 -13.62
CA MET E 77 43.34 -2.78 -13.02
C MET E 77 42.23 -3.12 -14.01
N GLU E 78 41.21 -3.81 -13.51
CA GLU E 78 40.01 -4.09 -14.28
C GLU E 78 38.79 -3.63 -13.47
N ALA E 79 37.68 -3.39 -14.18
CA ALA E 79 36.50 -2.82 -13.54
C ALA E 79 36.06 -3.64 -12.33
N GLU E 80 36.00 -4.96 -12.47
CA GLU E 80 35.51 -5.80 -11.38
C GLU E 80 36.40 -5.77 -10.15
N ASP E 81 37.57 -5.13 -10.20
CA ASP E 81 38.46 -5.08 -9.05
C ASP E 81 38.16 -3.95 -8.10
N ALA E 82 37.36 -2.96 -8.52
CA ALA E 82 36.90 -1.93 -7.59
C ALA E 82 36.16 -2.61 -6.45
N ALA E 83 36.64 -2.37 -5.24
CA ALA E 83 36.05 -2.98 -4.06
C ALA E 83 36.81 -2.45 -2.86
N THR E 84 36.47 -2.91 -1.66
CA THR E 84 37.25 -2.62 -0.47
C THR E 84 38.07 -3.84 -0.08
N TYR E 85 39.32 -3.62 0.29
CA TYR E 85 40.24 -4.71 0.62
C TYR E 85 40.71 -4.56 2.06
N TYR E 86 40.62 -5.65 2.82
CA TYR E 86 41.06 -5.67 4.21
C TYR E 86 42.21 -6.65 4.38
N CYS E 87 43.24 -6.22 5.11
CA CYS E 87 44.26 -7.14 5.56
C CYS E 87 43.88 -7.69 6.93
N GLN E 88 44.52 -8.80 7.32
CA GLN E 88 44.12 -9.54 8.50
C GLN E 88 45.32 -10.35 9.00
N GLN E 89 45.43 -10.49 10.33
CA GLN E 89 46.55 -11.19 10.94
C GLN E 89 46.06 -12.10 12.06
N TYR E 90 46.78 -13.21 12.26
CA TYR E 90 46.55 -14.14 13.37
C TYR E 90 47.74 -14.18 14.32
N GLN E 91 48.66 -13.24 14.18
CA GLN E 91 49.86 -13.25 15.01
C GLN E 91 49.52 -13.10 16.49
N SER E 92 48.70 -12.10 16.83
CA SER E 92 48.15 -11.98 18.17
C SER E 92 46.70 -12.47 18.20
N TYR E 93 46.24 -12.78 19.40
CA TYR E 93 44.84 -13.14 19.54
C TYR E 93 44.11 -12.01 20.26
N PRO E 94 42.92 -11.61 19.79
CA PRO E 94 42.13 -12.18 18.70
C PRO E 94 42.61 -11.75 17.33
N PRO E 95 42.16 -12.44 16.28
CA PRO E 95 42.43 -11.94 14.93
C PRO E 95 41.95 -10.50 14.80
N THR E 96 42.72 -9.69 14.07
CA THR E 96 42.33 -8.32 13.77
C THR E 96 42.45 -8.05 12.28
N PHE E 97 41.66 -7.08 11.83
CA PHE E 97 41.58 -6.63 10.47
C PHE E 97 42.07 -5.18 10.39
N GLY E 98 42.53 -4.77 9.22
CA GLY E 98 42.79 -3.37 9.00
C GLY E 98 41.48 -2.65 8.71
N ALA E 99 41.56 -1.32 8.65
CA ALA E 99 40.35 -0.52 8.43
C ALA E 99 39.90 -0.50 6.98
N GLY E 100 40.70 -1.01 6.06
CA GLY E 100 40.21 -1.10 4.70
C GLY E 100 40.88 -0.10 3.76
N THR E 101 41.07 -0.52 2.51
CA THR E 101 41.40 0.36 1.40
C THR E 101 40.27 0.25 0.38
N LYS E 102 39.64 1.36 0.06
CA LYS E 102 38.58 1.36 -0.93
C LYS E 102 39.17 1.73 -2.28
N LEU E 103 39.06 0.82 -3.24
CA LEU E 103 39.61 1.01 -4.58
C LEU E 103 38.46 1.35 -5.52
N GLU E 104 38.55 2.52 -6.16
CA GLU E 104 37.51 2.96 -7.08
C GLU E 104 38.06 2.98 -8.49
N LEU E 105 37.16 3.04 -9.47
CA LEU E 105 37.52 3.05 -10.87
C LEU E 105 37.54 4.47 -11.40
N LYS E 106 38.64 4.86 -12.03
CA LYS E 106 38.70 6.14 -12.70
C LYS E 106 37.96 6.05 -14.03
N ARG E 107 37.29 7.13 -14.40
CA ARG E 107 36.67 7.25 -15.71
C ARG E 107 36.68 8.71 -16.12
N THR E 108 36.30 8.97 -17.37
CA THR E 108 36.27 10.32 -17.89
C THR E 108 35.24 11.16 -17.15
N ASP E 109 35.50 12.46 -17.06
CA ASP E 109 34.57 13.36 -16.38
C ASP E 109 33.23 13.42 -17.09
N ALA E 110 32.17 13.61 -16.30
CA ALA E 110 30.81 13.72 -16.81
C ALA E 110 30.04 14.72 -15.98
N ALA E 111 29.28 15.59 -16.66
CA ALA E 111 28.43 16.53 -15.95
C ALA E 111 27.18 15.84 -15.42
N PRO E 112 26.62 16.35 -14.31
CA PRO E 112 25.38 15.76 -13.78
C PRO E 112 24.16 16.11 -14.64
N THR E 113 23.24 15.16 -14.73
CA THR E 113 21.90 15.41 -15.27
C THR E 113 20.99 15.76 -14.11
N VAL E 114 20.39 16.94 -14.15
CA VAL E 114 19.66 17.52 -13.03
C VAL E 114 18.18 17.53 -13.36
N SER E 115 17.36 17.08 -12.41
CA SER E 115 15.91 17.09 -12.52
C SER E 115 15.34 17.57 -11.20
N ILE E 116 14.31 18.43 -11.26
CA ILE E 116 13.69 18.97 -10.06
C ILE E 116 12.22 18.55 -10.03
N PHE E 117 11.71 18.38 -8.82
CA PHE E 117 10.39 17.81 -8.63
C PHE E 117 9.64 18.54 -7.53
N PRO E 118 8.49 19.12 -7.84
CA PRO E 118 7.65 19.77 -6.84
C PRO E 118 7.05 18.76 -5.87
N PRO E 119 6.56 19.20 -4.72
CA PRO E 119 5.84 18.29 -3.83
C PRO E 119 4.71 17.60 -4.58
N SER E 120 4.51 16.31 -4.29
CA SER E 120 3.34 15.64 -4.81
C SER E 120 2.08 16.19 -4.15
N SER E 121 0.94 16.01 -4.80
CA SER E 121 -0.31 16.42 -4.17
C SER E 121 -0.62 15.55 -2.94
N GLU E 122 -0.18 14.29 -2.94
CA GLU E 122 -0.38 13.44 -1.76
C GLU E 122 0.28 14.05 -0.52
N GLN E 123 1.53 14.49 -0.65
CA GLN E 123 2.21 15.02 0.53
C GLN E 123 1.55 16.30 1.02
N LEU E 124 1.12 17.16 0.10
CA LEU E 124 0.47 18.41 0.48
C LEU E 124 -0.78 18.17 1.32
N THR E 125 -1.55 17.11 1.00
CA THR E 125 -2.70 16.83 1.86
C THR E 125 -2.29 16.40 3.27
N SER E 126 -1.03 16.07 3.49
CA SER E 126 -0.54 15.72 4.83
C SER E 126 0.04 16.91 5.58
N GLY E 127 0.12 18.09 4.96
CA GLY E 127 0.67 19.26 5.62
C GLY E 127 2.15 19.50 5.38
N GLY E 128 2.84 18.62 4.65
CA GLY E 128 4.25 18.76 4.35
C GLY E 128 4.48 19.02 2.86
N ALA E 129 5.73 19.34 2.54
CA ALA E 129 6.10 19.73 1.18
C ALA E 129 7.61 19.57 0.99
N SER E 130 8.01 18.54 0.26
CA SER E 130 9.40 18.30 -0.07
C SER E 130 9.63 18.61 -1.54
N VAL E 131 10.68 19.36 -1.82
CA VAL E 131 11.17 19.56 -3.18
C VAL E 131 12.40 18.69 -3.34
N VAL E 132 12.44 17.93 -4.42
CA VAL E 132 13.48 16.92 -4.65
C VAL E 132 14.26 17.32 -5.89
N CYS E 133 15.58 17.26 -5.78
CA CYS E 133 16.50 17.42 -6.89
C CYS E 133 17.31 16.15 -7.03
N PHE E 134 17.32 15.56 -8.23
CA PHE E 134 18.20 14.44 -8.56
C PHE E 134 19.35 14.96 -9.44
N LEU E 135 20.58 14.58 -9.08
CA LEU E 135 21.76 14.90 -9.87
C LEU E 135 22.44 13.58 -10.22
N ASN E 136 22.31 13.15 -11.48
CA ASN E 136 22.54 11.76 -11.86
C ASN E 136 23.71 11.63 -12.84
N ASN E 137 24.53 10.59 -12.64
CA ASN E 137 25.53 10.13 -13.60
C ASN E 137 26.60 11.18 -13.87
N PHE E 138 27.24 11.64 -12.80
CA PHE E 138 28.34 12.59 -12.89
C PHE E 138 29.62 11.95 -12.36
N TYR E 139 30.76 12.50 -12.77
CA TYR E 139 32.10 12.06 -12.30
C TYR E 139 33.06 13.23 -12.41
N PRO E 140 33.92 13.47 -11.39
CA PRO E 140 34.11 12.67 -10.18
C PRO E 140 33.04 12.95 -9.10
N LYS E 141 33.23 12.42 -7.90
CA LYS E 141 32.18 12.38 -6.89
C LYS E 141 31.93 13.71 -6.18
N ASP E 142 32.86 14.65 -6.23
CA ASP E 142 32.70 15.89 -5.47
C ASP E 142 31.73 16.81 -6.18
N ILE E 143 30.70 17.25 -5.45
CA ILE E 143 29.60 18.04 -6.00
C ILE E 143 28.98 18.86 -4.86
N ASN E 144 28.45 20.03 -5.21
CA ASN E 144 27.79 20.90 -4.24
C ASN E 144 26.42 21.31 -4.76
N VAL E 145 25.43 21.33 -3.87
CA VAL E 145 24.08 21.70 -4.21
C VAL E 145 23.66 22.88 -3.34
N LYS E 146 23.11 23.92 -3.98
CA LYS E 146 22.49 25.04 -3.29
C LYS E 146 21.02 25.09 -3.67
N TRP E 147 20.17 25.30 -2.66
CA TRP E 147 18.75 25.53 -2.86
C TRP E 147 18.46 27.02 -2.71
N LYS E 148 17.56 27.53 -3.55
CA LYS E 148 17.13 28.91 -3.45
C LYS E 148 15.61 28.95 -3.53
N ILE E 149 15.00 29.70 -2.61
CA ILE E 149 13.56 29.96 -2.62
C ILE E 149 13.36 31.44 -2.91
N ASP E 150 12.66 31.72 -4.01
CA ASP E 150 12.43 33.09 -4.46
C ASP E 150 13.75 33.85 -4.57
N GLY E 151 14.80 33.14 -4.97
CA GLY E 151 16.09 33.76 -5.23
C GLY E 151 17.03 33.83 -4.05
N SER E 152 16.60 33.41 -2.86
CA SER E 152 17.43 33.49 -1.67
C SER E 152 17.73 32.11 -1.14
N GLU E 153 18.97 31.93 -0.69
CA GLU E 153 19.46 30.61 -0.26
C GLU E 153 18.65 30.07 0.90
N ARG E 154 18.54 28.74 0.92
CA ARG E 154 17.94 27.97 2.01
C ARG E 154 18.83 26.80 2.34
N GLN E 155 19.19 26.64 3.60
CA GLN E 155 20.08 25.58 4.03
C GLN E 155 19.48 24.62 5.04
N ASN E 156 18.55 25.08 5.86
CA ASN E 156 17.90 24.23 6.85
C ASN E 156 16.85 23.35 6.17
N GLY E 157 16.73 22.12 6.65
CA GLY E 157 15.74 21.21 6.11
C GLY E 157 16.13 20.53 4.83
N VAL E 158 17.43 20.36 4.59
CA VAL E 158 17.95 19.72 3.38
C VAL E 158 18.53 18.37 3.76
N LEU E 159 18.17 17.33 3.00
CA LEU E 159 18.71 15.98 3.15
C LEU E 159 19.36 15.57 1.85
N ASN E 160 20.65 15.20 1.92
CA ASN E 160 21.39 14.72 0.76
C ASN E 160 21.73 13.23 0.92
N SER E 161 21.69 12.49 -0.18
CA SER E 161 22.11 11.10 -0.19
C SER E 161 22.83 10.81 -1.49
N TRP E 162 23.89 10.01 -1.43
CA TRP E 162 24.70 9.70 -2.61
C TRP E 162 24.72 8.20 -2.83
N THR E 163 24.85 7.81 -4.10
CA THR E 163 25.14 6.44 -4.48
C THR E 163 26.66 6.23 -4.54
N ASP E 164 27.08 4.97 -4.49
CA ASP E 164 28.46 4.65 -4.83
C ASP E 164 28.53 4.39 -6.32
N GLN E 165 29.74 4.15 -6.82
CA GLN E 165 29.99 4.06 -8.25
C GLN E 165 29.04 3.07 -8.93
N ASP E 166 28.37 3.55 -9.97
CA ASP E 166 27.43 2.71 -10.69
C ASP E 166 28.14 1.50 -11.29
N SER E 167 27.49 0.34 -11.21
CA SER E 167 28.08 -0.90 -11.70
C SER E 167 28.17 -0.94 -13.22
N LYS E 168 27.47 -0.06 -13.93
CA LYS E 168 27.44 -0.12 -15.40
C LYS E 168 28.28 0.97 -16.06
N ASP E 169 28.25 2.22 -15.57
CA ASP E 169 29.08 3.27 -16.16
C ASP E 169 30.06 3.93 -15.19
N SER E 170 30.10 3.53 -13.93
CA SER E 170 31.09 4.01 -12.97
C SER E 170 30.90 5.48 -12.59
N THR E 171 29.72 6.05 -12.82
CA THR E 171 29.44 7.41 -12.37
C THR E 171 28.85 7.39 -10.96
N TYR E 172 28.74 8.57 -10.36
CA TYR E 172 28.02 8.76 -9.11
C TYR E 172 26.70 9.49 -9.37
N SER E 173 25.79 9.38 -8.41
CA SER E 173 24.51 10.07 -8.45
C SER E 173 24.20 10.60 -7.07
N MET E 174 23.38 11.65 -7.01
CA MET E 174 23.07 12.29 -5.74
C MET E 174 21.63 12.76 -5.72
N SER E 175 21.04 12.68 -4.53
CA SER E 175 19.66 13.11 -4.30
C SER E 175 19.66 14.18 -3.21
N SER E 176 19.02 15.31 -3.49
CA SER E 176 18.87 16.39 -2.53
C SER E 176 17.39 16.69 -2.33
N THR E 177 16.95 16.72 -1.08
CA THR E 177 15.55 16.95 -0.75
C THR E 177 15.45 18.10 0.25
N LEU E 178 14.63 19.10 -0.10
CA LEU E 178 14.34 20.24 0.76
C LEU E 178 12.91 20.11 1.28
N THR E 179 12.74 19.93 2.58
CA THR E 179 11.41 19.76 3.15
C THR E 179 10.99 21.01 3.91
N LEU E 180 9.83 21.55 3.54
CA LEU E 180 9.15 22.67 4.17
C LEU E 180 7.78 22.21 4.68
N THR E 181 7.08 23.10 5.34
CA THR E 181 5.66 22.88 5.58
C THR E 181 4.88 23.25 4.33
N LYS E 182 3.65 22.73 4.25
CA LYS E 182 2.76 23.09 3.16
C LYS E 182 2.50 24.60 3.14
N ASP E 183 2.17 25.17 4.30
CA ASP E 183 1.80 26.57 4.32
C ASP E 183 2.97 27.45 3.89
N GLU E 184 4.19 27.07 4.26
CA GLU E 184 5.37 27.82 3.87
C GLU E 184 5.68 27.62 2.38
N TYR E 185 5.46 26.42 1.85
CA TYR E 185 5.66 26.21 0.41
C TYR E 185 4.71 27.08 -0.41
N GLU E 186 3.47 27.24 0.06
CA GLU E 186 2.49 28.05 -0.66
C GLU E 186 2.74 29.55 -0.57
N ARG E 187 3.61 30.00 0.34
CA ARG E 187 3.90 31.43 0.44
C ARG E 187 4.94 31.90 -0.56
N HIS E 188 5.60 30.99 -1.26
CA HIS E 188 6.69 31.36 -2.15
C HIS E 188 6.43 30.81 -3.54
N ASN E 189 7.03 31.44 -4.54
CA ASN E 189 6.72 31.17 -5.94
C ASN E 189 7.79 30.32 -6.64
N SER E 190 9.07 30.64 -6.46
CA SER E 190 10.14 30.09 -7.29
C SER E 190 11.02 29.17 -6.46
N TYR E 191 11.27 27.96 -6.98
CA TYR E 191 12.09 26.95 -6.31
C TYR E 191 13.21 26.52 -7.23
N THR E 192 14.45 26.59 -6.74
CA THR E 192 15.62 26.39 -7.57
C THR E 192 16.64 25.52 -6.87
N CYS E 193 17.25 24.63 -7.65
CA CYS E 193 18.36 23.81 -7.17
C CYS E 193 19.51 24.01 -8.15
N GLU E 194 20.66 24.43 -7.64
CA GLU E 194 21.84 24.68 -8.47
C GLU E 194 22.97 23.74 -8.06
N ALA E 195 23.56 23.06 -9.04
CA ALA E 195 24.67 22.15 -8.81
C ALA E 195 25.93 22.73 -9.40
N THR E 196 27.00 22.77 -8.61
CA THR E 196 28.31 23.17 -9.07
C THR E 196 29.22 21.94 -9.10
N HIS E 197 29.78 21.66 -10.26
CA HIS E 197 30.62 20.51 -10.49
C HIS E 197 31.84 20.95 -11.29
N LYS E 198 32.94 20.21 -11.13
CA LYS E 198 34.18 20.61 -11.79
C LYS E 198 34.06 20.63 -13.31
N THR E 199 33.00 20.03 -13.88
CA THR E 199 32.85 19.93 -15.33
C THR E 199 32.36 21.21 -15.97
N SER E 200 31.86 22.18 -15.21
CA SER E 200 31.54 23.49 -15.75
C SER E 200 31.93 24.56 -14.76
N THR E 201 32.22 25.75 -15.28
CA THR E 201 32.56 26.87 -14.41
C THR E 201 31.32 27.51 -13.79
N SER E 202 30.16 27.41 -14.45
CA SER E 202 28.94 27.98 -13.92
C SER E 202 27.95 26.89 -13.50
N PRO E 203 27.13 27.14 -12.49
CA PRO E 203 26.24 26.09 -11.96
C PRO E 203 25.23 25.60 -12.99
N ILE E 204 24.84 24.34 -12.84
CA ILE E 204 23.67 23.80 -13.51
C ILE E 204 22.44 24.14 -12.67
N VAL E 205 21.49 24.86 -13.26
CA VAL E 205 20.35 25.39 -12.53
C VAL E 205 19.07 24.79 -13.10
N LYS E 206 18.27 24.19 -12.22
CA LYS E 206 16.91 23.77 -12.55
C LYS E 206 15.96 24.38 -11.53
N SER E 207 14.80 24.83 -12.01
CA SER E 207 13.86 25.51 -11.13
C SER E 207 12.45 25.40 -11.72
N PHE E 208 11.47 25.80 -10.92
CA PHE E 208 10.07 25.84 -11.34
C PHE E 208 9.37 26.92 -10.55
N ASN E 209 8.22 27.37 -11.08
CA ASN E 209 7.34 28.30 -10.39
C ASN E 209 6.07 27.58 -9.95
N ARG E 210 5.68 27.78 -8.70
CA ARG E 210 4.57 27.03 -8.12
C ARG E 210 3.27 27.29 -8.89
N ASN E 211 3.01 28.54 -9.24
CA ASN E 211 1.90 28.86 -10.15
C ASN E 211 2.41 28.78 -11.59
N GLU E 212 2.76 27.56 -11.99
CA GLU E 212 3.41 27.25 -13.28
C GLU E 212 4.03 28.49 -13.95
N PHE F 2 48.26 -26.28 8.16
CA PHE F 2 48.01 -24.95 8.70
C PHE F 2 46.62 -24.89 9.40
N LYS F 3 45.65 -25.64 8.92
CA LYS F 3 44.34 -25.71 9.57
C LYS F 3 44.52 -26.15 11.02
N GLU F 4 45.31 -27.21 11.22
CA GLU F 4 45.53 -27.70 12.58
C GLU F 4 46.25 -26.66 13.44
N GLU F 5 47.19 -25.91 12.86
CA GLU F 5 47.82 -24.81 13.59
C GLU F 5 46.80 -23.76 13.99
N LEU F 6 45.95 -23.36 13.04
CA LEU F 6 44.96 -22.33 13.35
C LEU F 6 43.94 -22.85 14.34
N ASP F 7 43.56 -24.13 14.23
CA ASP F 7 42.66 -24.69 15.21
C ASP F 7 43.22 -24.55 16.62
N LYS F 8 44.52 -24.77 16.79
CA LYS F 8 45.15 -24.64 18.11
C LYS F 8 45.14 -23.19 18.57
N TYR F 9 45.47 -22.26 17.68
CA TYR F 9 45.38 -20.84 17.98
C TYR F 9 44.01 -20.49 18.55
N PHE F 10 42.93 -21.03 17.96
CA PHE F 10 41.60 -20.71 18.44
C PHE F 10 41.28 -21.43 19.75
N LYS F 11 41.78 -22.64 19.93
CA LYS F 11 41.58 -23.39 21.17
C LYS F 11 42.24 -22.67 22.34
#